data_9AUD
#
_entry.id   9AUD
#
_cell.length_a   196.344
_cell.length_b   196.344
_cell.length_c   77.104
_cell.angle_alpha   90.000
_cell.angle_beta   90.000
_cell.angle_gamma   120.000
#
_symmetry.space_group_name_H-M   'H 3'
#
loop_
_entity.id
_entity.type
_entity.pdbx_description
1 polymer 'H-2 class II histocompatibility antigen, A-B alpha chain'
2 polymer 'Nucleoprotein,H-2 class II histocompatibility antigen, A beta chain'
3 polymer 'NPLCK1-2_TCR TRAV6-5 alpha chain'
4 polymer 'NPLCK1-2 TCR TRBV1 Beta chain'
5 non-polymer 1,2-ETHANEDIOL
6 non-polymer 2-acetamido-2-deoxy-beta-D-glucopyranose
7 water water
#
loop_
_entity_poly.entity_id
_entity_poly.type
_entity_poly.pdbx_seq_one_letter_code
_entity_poly.pdbx_strand_id
1 'polypeptide(L)'
;DIEADHVGTYGISVYQSPGDIGQYTFEFDGDELFYVDLDKKETVWMLPEFGQLASFDPQGGLQNIAVVKHNLGVLTKRSN
STPATNEAPQATVFPKSPVLLGQPNTLICFVDNIFPPVINITWLRNSKSVADGVYETSFFVNRDYSFHKLSYLTFIPSDD
DIYDCKVEHWGLEEPVLKHWTSGLEVLF
;
C
2 'polypeptide(L)'
;QVYSLIRPNENPAHKGSGGSIEGRGGSGASGDSERHFVYQFMGECYFTNGTQRIRYVTRYIYNREEYVRYDSDVGEHRAV
TELGRPDAEYWNSQPEILERTRAELDTVCRHNYEGPETHTSLRRLEQPNVVISLSRTEALNHHNTLVCSVTDFYPAKIKV
RWFRNGQEETVGVSSTQLIRNGDWTFQVLVMLEMTPRRGEVYTCHVEHPSLKSPITVEWTGGLEVLFQ
;
D
3 'polypeptide(L)'
;MGDSVTQTEGPVTLSEGTSLTVNCSYETKQYPTLFWYVQYPGEGPQLLFKVPKANEKGSSRGFEATYNKEATSFHLQKAS
VQESDSAVYYCALSLNSGGSNAKLTFGKGTKLSVKSHIQNPDPAVYQLRDSKSSDKSVCLFTDFDSQTNVSQSKDSDVYI
TDKCVLDMRSMDFKSNSAVAWSNKSDFACANAFNNSIIPEDTFFPSPESS
;
A
4 'polypeptide(L)'
;MVTLLEQNPRWRLVPRGQAVNLRCILKNSQYPWMSWYQQDLQKQLQWLFTLRSPGDKEVKSLPGADYLATRVTDTELRLQ
VANMSQGRTLYCTCSPQTTEVFFGKGTRLTVVEDLNKVFPPEVAVFEPSEAEISHTQKATLVCLATGFYPDHVELSWWVN
GKEVHSGVCTDPQPLKEQPALNDSRYALSSRLRVSATFWQNPRNHFRCQVQFYGLSENDEWTQDRAKPVTQIVSAEAWGR
AD
;
B
#
# COMPACT_ATOMS: atom_id res chain seq x y z
N ASP A 1 -24.58 23.87 8.80
CA ASP A 1 -24.39 23.43 7.43
C ASP A 1 -23.27 24.22 6.77
N ILE A 2 -22.68 23.66 5.71
CA ILE A 2 -21.55 24.27 5.02
C ILE A 2 -22.01 24.68 3.62
N GLU A 3 -21.74 25.93 3.26
CA GLU A 3 -22.14 26.47 1.96
C GLU A 3 -20.97 26.38 1.00
N ALA A 4 -21.24 25.83 -0.19
CA ALA A 4 -20.20 25.65 -1.21
C ALA A 4 -20.88 25.41 -2.55
N ASP A 5 -20.07 25.40 -3.60
CA ASP A 5 -20.57 25.11 -4.94
C ASP A 5 -20.59 23.62 -5.25
N HIS A 6 -19.65 22.86 -4.71
CA HIS A 6 -19.58 21.42 -4.92
C HIS A 6 -19.10 20.74 -3.65
N VAL A 7 -19.60 19.53 -3.41
CA VAL A 7 -19.22 18.72 -2.26
C VAL A 7 -18.77 17.37 -2.78
N GLY A 8 -17.49 17.08 -2.66
CA GLY A 8 -16.95 15.80 -3.07
C GLY A 8 -16.65 14.89 -1.89
N THR A 9 -17.49 13.87 -1.68
CA THR A 9 -17.28 12.92 -0.60
C THR A 9 -16.42 11.80 -1.14
N TYR A 10 -15.11 11.98 -1.03
CA TYR A 10 -14.13 11.05 -1.62
C TYR A 10 -13.73 10.02 -0.57
N GLY A 11 -14.69 9.15 -0.25
CA GLY A 11 -14.49 8.12 0.74
C GLY A 11 -15.61 8.07 1.77
N ILE A 12 -16.46 7.06 1.68
CA ILE A 12 -17.49 6.79 2.68
C ILE A 12 -17.34 5.33 3.09
N SER A 13 -16.84 5.10 4.29
CA SER A 13 -16.66 3.76 4.84
C SER A 13 -17.75 3.52 5.89
N VAL A 14 -18.52 2.46 5.70
CA VAL A 14 -19.54 2.03 6.66
C VAL A 14 -19.33 0.56 6.95
N TYR A 15 -19.26 0.21 8.23
CA TYR A 15 -19.06 -1.17 8.65
C TYR A 15 -20.01 -1.50 9.79
N GLN A 16 -20.54 -2.71 9.78
CA GLN A 16 -21.47 -3.18 10.79
C GLN A 16 -20.99 -4.49 11.38
N SER A 17 -21.30 -4.71 12.66
N SER A 17 -21.31 -4.72 12.65
CA SER A 17 -20.95 -5.94 13.36
CA SER A 17 -20.95 -5.94 13.36
C SER A 17 -22.09 -6.28 14.32
C SER A 17 -22.08 -6.28 14.32
N PRO A 18 -22.46 -7.56 14.43
CA PRO A 18 -21.91 -8.72 13.72
C PRO A 18 -22.41 -8.83 12.28
N GLY A 19 -21.96 -9.85 11.55
CA GLY A 19 -22.30 -10.02 10.16
C GLY A 19 -21.20 -9.65 9.19
N ASP A 20 -20.24 -8.84 9.63
CA ASP A 20 -19.10 -8.44 8.80
C ASP A 20 -19.57 -7.79 7.50
N ILE A 21 -20.40 -6.75 7.65
CA ILE A 21 -21.02 -6.07 6.52
C ILE A 21 -20.31 -4.74 6.32
N GLY A 22 -19.83 -4.49 5.10
CA GLY A 22 -19.12 -3.27 4.79
C GLY A 22 -19.61 -2.66 3.48
N GLN A 23 -19.24 -1.40 3.28
CA GLN A 23 -19.60 -0.67 2.08
C GLN A 23 -18.67 0.52 1.94
N TYR A 24 -18.16 0.73 0.72
CA TYR A 24 -17.31 1.87 0.41
C TYR A 24 -17.79 2.52 -0.87
N THR A 25 -18.05 3.83 -0.82
CA THR A 25 -18.60 4.55 -1.96
C THR A 25 -17.87 5.87 -2.14
N PHE A 26 -18.02 6.42 -3.34
CA PHE A 26 -17.53 7.75 -3.69
C PHE A 26 -18.72 8.58 -4.15
N GLU A 27 -18.82 9.82 -3.65
CA GLU A 27 -19.93 10.70 -3.98
C GLU A 27 -19.43 12.02 -4.52
N PHE A 28 -20.26 12.64 -5.35
CA PHE A 28 -20.01 14.00 -5.84
C PHE A 28 -21.36 14.69 -6.01
N ASP A 29 -21.57 15.76 -5.26
CA ASP A 29 -22.84 16.49 -5.25
C ASP A 29 -24.01 15.59 -4.90
N GLY A 30 -23.79 14.61 -4.03
CA GLY A 30 -24.84 13.74 -3.56
C GLY A 30 -25.07 12.49 -4.38
N ASP A 31 -24.51 12.41 -5.57
CA ASP A 31 -24.68 11.24 -6.44
C ASP A 31 -23.49 10.31 -6.30
N GLU A 32 -23.76 9.02 -6.48
CA GLU A 32 -22.73 8.00 -6.27
C GLU A 32 -21.85 7.88 -7.51
N LEU A 33 -20.55 8.15 -7.35
CA LEU A 33 -19.61 7.90 -8.42
C LEU A 33 -19.44 6.40 -8.65
N PHE A 34 -19.13 5.65 -7.60
CA PHE A 34 -18.96 4.21 -7.69
C PHE A 34 -19.04 3.62 -6.29
N TYR A 35 -19.04 2.29 -6.24
CA TYR A 35 -18.87 1.55 -5.01
C TYR A 35 -17.89 0.42 -5.24
N VAL A 36 -17.13 0.07 -4.21
CA VAL A 36 -16.15 -1.00 -4.28
C VAL A 36 -16.80 -2.27 -3.75
N ASP A 37 -16.98 -3.26 -4.62
CA ASP A 37 -17.50 -4.57 -4.21
C ASP A 37 -16.44 -5.23 -3.33
N LEU A 38 -16.70 -5.26 -2.01
CA LEU A 38 -15.71 -5.77 -1.08
C LEU A 38 -15.48 -7.28 -1.23
N ASP A 39 -16.44 -7.99 -1.83
CA ASP A 39 -16.29 -9.43 -2.04
C ASP A 39 -15.52 -9.73 -3.32
N LYS A 40 -15.80 -9.03 -4.41
CA LYS A 40 -15.08 -9.21 -5.66
C LYS A 40 -13.85 -8.32 -5.78
N LYS A 41 -13.69 -7.34 -4.88
CA LYS A 41 -12.53 -6.45 -4.87
C LYS A 41 -12.40 -5.70 -6.19
N GLU A 42 -13.53 -5.15 -6.66
CA GLU A 42 -13.59 -4.46 -7.93
C GLU A 42 -14.41 -3.19 -7.78
N THR A 43 -14.09 -2.19 -8.60
CA THR A 43 -14.80 -0.92 -8.61
C THR A 43 -15.96 -0.99 -9.58
N VAL A 44 -17.15 -0.60 -9.11
CA VAL A 44 -18.38 -0.66 -9.90
C VAL A 44 -18.93 0.75 -10.01
N TRP A 45 -18.82 1.33 -11.20
CA TRP A 45 -19.32 2.69 -11.44
C TRP A 45 -20.81 2.68 -11.73
N MET A 46 -21.53 3.63 -11.14
CA MET A 46 -22.95 3.75 -11.43
C MET A 46 -23.19 4.20 -12.86
N LEU A 47 -22.46 5.22 -13.31
CA LEU A 47 -22.48 5.63 -14.71
C LEU A 47 -21.39 4.88 -15.45
N PRO A 48 -21.71 3.99 -16.39
CA PRO A 48 -20.65 3.26 -17.11
C PRO A 48 -19.73 4.17 -17.89
N GLU A 49 -20.19 5.35 -18.30
CA GLU A 49 -19.33 6.27 -19.04
C GLU A 49 -18.22 6.82 -18.16
N PHE A 50 -18.46 6.96 -16.85
CA PHE A 50 -17.42 7.49 -15.97
C PHE A 50 -16.29 6.49 -15.80
N GLY A 51 -16.61 5.19 -15.76
CA GLY A 51 -15.58 4.17 -15.70
C GLY A 51 -14.69 4.12 -16.92
N GLN A 52 -15.21 4.57 -18.07
CA GLN A 52 -14.41 4.61 -19.29
C GLN A 52 -13.44 5.79 -19.31
N LEU A 53 -13.66 6.79 -18.47
CA LEU A 53 -12.81 7.98 -18.43
C LEU A 53 -11.88 8.00 -17.23
N ALA A 54 -12.40 7.78 -16.03
CA ALA A 54 -11.60 7.78 -14.82
C ALA A 54 -11.37 6.34 -14.35
N SER A 55 -10.63 6.22 -13.25
CA SER A 55 -10.35 4.92 -12.66
C SER A 55 -10.04 5.11 -11.18
N PHE A 56 -10.00 3.99 -10.45
CA PHE A 56 -9.77 4.02 -9.02
C PHE A 56 -9.30 2.65 -8.57
N ASP A 57 -8.21 2.62 -7.80
CA ASP A 57 -7.68 1.36 -7.28
C ASP A 57 -8.57 0.88 -6.13
N PRO A 58 -9.26 -0.24 -6.30
CA PRO A 58 -10.18 -0.70 -5.24
C PRO A 58 -9.47 -1.16 -3.98
N GLN A 59 -8.18 -1.52 -4.06
CA GLN A 59 -7.46 -1.95 -2.86
C GLN A 59 -7.38 -0.83 -1.84
N GLY A 60 -7.43 0.43 -2.29
CA GLY A 60 -7.47 1.53 -1.34
C GLY A 60 -8.76 1.54 -0.53
N GLY A 61 -9.89 1.26 -1.19
CA GLY A 61 -11.15 1.17 -0.47
C GLY A 61 -11.22 -0.05 0.44
N LEU A 62 -10.61 -1.16 0.03
CA LEU A 62 -10.57 -2.35 0.88
C LEU A 62 -9.82 -2.06 2.17
N GLN A 63 -8.63 -1.46 2.06
CA GLN A 63 -7.88 -1.09 3.25
C GLN A 63 -8.52 0.06 4.02
N ASN A 64 -9.47 0.77 3.41
CA ASN A 64 -10.25 1.77 4.16
C ASN A 64 -11.21 1.08 5.12
N ILE A 65 -11.81 -0.04 4.70
CA ILE A 65 -12.69 -0.80 5.57
C ILE A 65 -11.90 -1.49 6.67
N ALA A 66 -10.67 -1.91 6.38
CA ALA A 66 -9.84 -2.54 7.40
C ALA A 66 -9.57 -1.62 8.57
N VAL A 67 -9.54 -0.30 8.32
CA VAL A 67 -9.29 0.66 9.40
C VAL A 67 -10.54 0.83 10.26
N VAL A 68 -11.70 0.98 9.63
CA VAL A 68 -12.92 1.20 10.40
C VAL A 68 -13.33 -0.08 11.14
N LYS A 69 -13.06 -1.25 10.55
CA LYS A 69 -13.30 -2.49 11.26
C LYS A 69 -12.41 -2.60 12.49
N HIS A 70 -11.20 -2.04 12.43
CA HIS A 70 -10.31 -2.02 13.57
C HIS A 70 -10.79 -1.03 14.62
N ASN A 71 -11.16 0.18 14.19
CA ASN A 71 -11.60 1.21 15.12
C ASN A 71 -12.90 0.84 15.82
N LEU A 72 -13.80 0.14 15.12
CA LEU A 72 -15.07 -0.24 15.71
C LEU A 72 -14.86 -1.23 16.86
N GLY A 73 -13.93 -2.16 16.71
CA GLY A 73 -13.66 -3.10 17.80
C GLY A 73 -13.08 -2.41 19.02
N VAL A 74 -12.26 -1.38 18.81
CA VAL A 74 -11.69 -0.64 19.94
C VAL A 74 -12.76 0.21 20.60
N LEU A 75 -13.67 0.78 19.80
CA LEU A 75 -14.72 1.62 20.38
C LEU A 75 -15.78 0.79 21.09
N THR A 76 -16.05 -0.42 20.61
CA THR A 76 -16.98 -1.30 21.31
C THR A 76 -16.47 -1.66 22.70
N LYS A 77 -15.16 -1.88 22.81
CA LYS A 77 -14.53 -2.17 24.09
C LYS A 77 -14.30 -0.92 24.94
N ARG A 78 -14.76 0.24 24.49
CA ARG A 78 -14.60 1.49 25.22
C ARG A 78 -15.92 2.05 25.75
N SER A 79 -16.99 1.94 24.97
CA SER A 79 -18.30 2.45 25.37
C SER A 79 -19.11 1.43 26.15
N ASN A 80 -18.48 0.38 26.67
CA ASN A 80 -19.16 -0.66 27.42
C ASN A 80 -20.27 -1.32 26.59
N SER A 81 -20.03 -1.43 25.28
CA SER A 81 -20.95 -2.03 24.33
C SER A 81 -22.32 -1.34 24.39
N THR A 82 -22.34 -0.11 23.84
CA THR A 82 -23.57 0.68 23.80
C THR A 82 -24.11 0.66 22.38
N PRO A 83 -25.20 -0.06 22.11
CA PRO A 83 -25.74 -0.11 20.75
C PRO A 83 -26.78 0.97 20.49
N ALA A 84 -26.99 1.25 19.21
CA ALA A 84 -27.95 2.25 18.78
C ALA A 84 -29.26 1.57 18.39
N THR A 85 -30.37 2.21 18.77
CA THR A 85 -31.68 1.62 18.53
C THR A 85 -32.03 1.66 17.03
N ASN A 86 -32.98 0.81 16.66
CA ASN A 86 -33.43 0.75 15.27
C ASN A 86 -34.42 1.87 14.98
N GLU A 87 -34.45 2.30 13.72
CA GLU A 87 -35.36 3.33 13.26
C GLU A 87 -36.38 2.75 12.29
N ALA A 88 -37.51 3.42 12.17
CA ALA A 88 -38.56 3.02 11.24
C ALA A 88 -38.38 3.78 9.93
N PRO A 89 -38.09 3.11 8.82
CA PRO A 89 -37.88 3.83 7.56
C PRO A 89 -39.20 4.32 6.97
N GLN A 90 -39.07 5.21 5.99
CA GLN A 90 -40.21 5.77 5.27
C GLN A 90 -39.95 5.66 3.77
N ALA A 91 -40.93 5.15 3.04
CA ALA A 91 -40.81 4.92 1.61
C ALA A 91 -41.67 5.91 0.82
N THR A 92 -41.25 6.19 -0.41
CA THR A 92 -41.98 7.08 -1.30
C THR A 92 -41.77 6.60 -2.73
N VAL A 93 -42.86 6.39 -3.44
CA VAL A 93 -42.83 5.89 -4.81
C VAL A 93 -43.24 7.02 -5.75
N PHE A 94 -42.44 7.24 -6.79
CA PHE A 94 -42.73 8.26 -7.79
C PHE A 94 -42.04 7.86 -9.09
N PRO A 95 -42.56 8.30 -10.23
CA PRO A 95 -41.93 7.94 -11.51
C PRO A 95 -40.77 8.86 -11.85
N LYS A 96 -39.82 8.31 -12.62
CA LYS A 96 -38.66 9.08 -13.04
C LYS A 96 -39.01 10.09 -14.12
N SER A 97 -39.79 9.69 -15.12
CA SER A 97 -40.19 10.52 -16.23
C SER A 97 -41.70 10.73 -16.21
N PRO A 98 -42.20 11.76 -16.90
CA PRO A 98 -43.66 11.93 -16.97
C PRO A 98 -44.33 10.71 -17.58
N VAL A 99 -45.35 10.21 -16.89
CA VAL A 99 -45.97 8.93 -17.26
C VAL A 99 -46.71 9.07 -18.57
N LEU A 100 -46.35 8.25 -19.55
CA LEU A 100 -47.08 8.13 -20.80
C LEU A 100 -47.40 6.65 -21.03
N LEU A 101 -48.67 6.34 -21.21
CA LEU A 101 -49.09 4.95 -21.39
C LEU A 101 -48.45 4.38 -22.65
N GLY A 102 -47.88 3.18 -22.52
CA GLY A 102 -47.22 2.51 -23.61
C GLY A 102 -45.75 2.83 -23.75
N GLN A 103 -45.32 4.02 -23.31
CA GLN A 103 -43.92 4.41 -23.41
C GLN A 103 -43.16 3.95 -22.17
N PRO A 104 -42.04 3.24 -22.33
CA PRO A 104 -41.33 2.69 -21.17
C PRO A 104 -40.92 3.77 -20.18
N ASN A 105 -40.98 3.43 -18.89
CA ASN A 105 -40.66 4.35 -17.83
C ASN A 105 -40.06 3.57 -16.67
N THR A 106 -39.52 4.30 -15.69
CA THR A 106 -38.89 3.70 -14.52
C THR A 106 -39.58 4.20 -13.26
N LEU A 107 -39.94 3.28 -12.37
CA LEU A 107 -40.53 3.61 -11.09
C LEU A 107 -39.45 3.63 -10.02
N ILE A 108 -39.51 4.64 -9.15
CA ILE A 108 -38.50 4.86 -8.12
C ILE A 108 -39.16 4.75 -6.75
N CYS A 109 -38.54 3.96 -5.87
CA CYS A 109 -38.97 3.86 -4.47
C CYS A 109 -37.87 4.44 -3.60
N PHE A 110 -38.17 5.57 -2.95
CA PHE A 110 -37.21 6.29 -2.14
C PHE A 110 -37.47 5.99 -0.67
N VAL A 111 -36.59 5.18 -0.07
CA VAL A 111 -36.71 4.77 1.32
C VAL A 111 -35.70 5.58 2.13
N ASP A 112 -36.21 6.36 3.09
CA ASP A 112 -35.38 7.24 3.91
C ASP A 112 -35.46 6.81 5.38
N ASN A 113 -34.63 7.45 6.20
CA ASN A 113 -34.56 7.18 7.64
C ASN A 113 -34.25 5.71 7.92
N ILE A 114 -33.24 5.20 7.25
CA ILE A 114 -32.84 3.79 7.37
C ILE A 114 -31.68 3.72 8.35
N PHE A 115 -31.91 3.10 9.50
CA PHE A 115 -30.82 2.79 10.42
C PHE A 115 -31.21 1.61 11.31
N PRO A 116 -30.36 0.59 11.44
CA PRO A 116 -29.04 0.43 10.80
C PRO A 116 -29.16 0.14 9.31
N PRO A 117 -28.10 0.34 8.52
CA PRO A 117 -28.21 0.14 7.06
C PRO A 117 -28.33 -1.32 6.66
N VAL A 118 -29.43 -1.96 7.05
CA VAL A 118 -29.79 -3.31 6.60
C VAL A 118 -31.28 -3.29 6.27
N ILE A 119 -31.64 -3.61 5.03
CA ILE A 119 -33.02 -3.49 4.58
C ILE A 119 -33.29 -4.51 3.48
N ASN A 120 -34.59 -4.79 3.28
CA ASN A 120 -35.07 -5.79 2.33
C ASN A 120 -36.19 -5.13 1.52
N ILE A 121 -35.82 -4.55 0.38
CA ILE A 121 -36.77 -3.83 -0.47
C ILE A 121 -37.14 -4.71 -1.66
N THR A 122 -38.44 -4.81 -1.93
CA THR A 122 -38.95 -5.63 -3.03
C THR A 122 -40.15 -4.95 -3.66
N TRP A 123 -40.37 -5.24 -4.93
CA TRP A 123 -41.49 -4.70 -5.69
C TRP A 123 -42.57 -5.75 -5.87
N LEU A 124 -43.79 -5.28 -6.11
CA LEU A 124 -44.94 -6.14 -6.37
C LEU A 124 -45.76 -5.56 -7.50
N ARG A 125 -46.10 -6.38 -8.48
CA ARG A 125 -47.01 -6.01 -9.56
C ARG A 125 -48.29 -6.81 -9.38
N ASN A 126 -49.38 -6.11 -9.03
CA ASN A 126 -50.68 -6.73 -8.79
C ASN A 126 -50.57 -7.82 -7.72
N SER A 127 -50.00 -7.45 -6.58
CA SER A 127 -49.83 -8.33 -5.43
C SER A 127 -48.98 -9.57 -5.75
N LYS A 128 -48.24 -9.54 -6.85
CA LYS A 128 -47.35 -10.62 -7.24
C LYS A 128 -45.93 -10.08 -7.36
N SER A 129 -44.97 -10.85 -6.87
CA SER A 129 -43.59 -10.39 -6.82
C SER A 129 -42.99 -10.31 -8.22
N VAL A 130 -42.14 -9.32 -8.43
CA VAL A 130 -41.38 -9.16 -9.67
C VAL A 130 -39.93 -8.92 -9.30
N ALA A 131 -39.05 -9.80 -9.76
CA ALA A 131 -37.63 -9.73 -9.44
C ALA A 131 -36.74 -9.36 -10.62
N ASP A 132 -37.24 -9.48 -11.85
N ASP A 132 -37.24 -9.48 -11.85
CA ASP A 132 -36.46 -9.15 -13.04
CA ASP A 132 -36.48 -9.15 -13.04
C ASP A 132 -36.59 -7.67 -13.36
C ASP A 132 -36.59 -7.67 -13.36
N GLY A 133 -35.48 -7.08 -13.81
CA GLY A 133 -35.47 -5.67 -14.15
C GLY A 133 -35.57 -4.74 -12.96
N VAL A 134 -34.86 -5.05 -11.88
CA VAL A 134 -34.89 -4.25 -10.66
C VAL A 134 -33.46 -3.90 -10.29
N TYR A 135 -33.19 -2.61 -10.09
CA TYR A 135 -31.89 -2.12 -9.67
C TYR A 135 -32.01 -1.43 -8.32
N GLU A 136 -30.97 -1.58 -7.50
CA GLU A 136 -30.95 -1.03 -6.15
C GLU A 136 -29.60 -0.36 -5.90
N THR A 137 -29.62 0.85 -5.36
CA THR A 137 -28.41 1.59 -5.10
C THR A 137 -27.84 1.23 -3.72
N SER A 138 -26.71 1.84 -3.38
CA SER A 138 -26.09 1.63 -2.09
C SER A 138 -26.76 2.53 -1.05
N PHE A 139 -26.33 2.41 0.21
CA PHE A 139 -26.86 3.23 1.29
C PHE A 139 -26.19 4.60 1.25
N PHE A 140 -26.96 5.63 0.91
CA PHE A 140 -26.47 7.00 0.98
C PHE A 140 -26.59 7.53 2.40
N VAL A 141 -25.58 8.26 2.83
N VAL A 141 -25.60 8.29 2.83
CA VAL A 141 -25.56 8.81 4.18
CA VAL A 141 -25.54 8.81 4.19
C VAL A 141 -26.39 10.08 4.23
C VAL A 141 -26.31 10.12 4.27
N ASN A 142 -27.01 10.31 5.38
CA ASN A 142 -27.76 11.53 5.64
C ASN A 142 -27.01 12.39 6.66
N ARG A 143 -27.51 13.62 6.84
CA ARG A 143 -26.84 14.54 7.76
C ARG A 143 -27.05 14.16 9.21
N ASP A 144 -28.11 13.43 9.54
CA ASP A 144 -28.30 12.89 10.87
C ASP A 144 -27.67 11.51 11.03
N TYR A 145 -26.80 11.13 10.11
CA TYR A 145 -26.05 9.86 10.15
C TYR A 145 -26.97 8.65 10.05
N SER A 146 -28.20 8.85 9.60
CA SER A 146 -29.04 7.75 9.14
C SER A 146 -28.75 7.52 7.66
N PHE A 147 -29.50 6.64 7.02
CA PHE A 147 -29.25 6.28 5.64
C PHE A 147 -30.54 6.32 4.83
N HIS A 148 -30.39 6.45 3.52
CA HIS A 148 -31.49 6.32 2.59
C HIS A 148 -31.03 5.55 1.37
N LYS A 149 -31.98 4.90 0.69
CA LYS A 149 -31.68 4.03 -0.43
C LYS A 149 -32.81 4.12 -1.44
N LEU A 150 -32.45 4.02 -2.72
CA LEU A 150 -33.42 4.08 -3.81
C LEU A 150 -33.43 2.77 -4.57
N SER A 151 -34.63 2.31 -4.93
CA SER A 151 -34.82 1.11 -5.74
C SER A 151 -35.57 1.49 -7.01
N TYR A 152 -35.24 0.80 -8.10
CA TYR A 152 -35.77 1.12 -9.42
C TYR A 152 -36.45 -0.08 -10.03
N LEU A 153 -37.52 0.18 -10.79
CA LEU A 153 -38.30 -0.86 -11.45
C LEU A 153 -38.73 -0.33 -12.81
N THR A 154 -38.21 -0.93 -13.88
CA THR A 154 -38.64 -0.58 -15.23
C THR A 154 -39.95 -1.28 -15.56
N PHE A 155 -40.89 -0.54 -16.14
CA PHE A 155 -42.22 -1.06 -16.39
C PHE A 155 -42.82 -0.35 -17.60
N ILE A 156 -43.93 -0.89 -18.07
CA ILE A 156 -44.72 -0.31 -19.16
C ILE A 156 -45.99 0.27 -18.55
N PRO A 157 -46.14 1.59 -18.50
CA PRO A 157 -47.31 2.19 -17.85
C PRO A 157 -48.63 1.80 -18.49
N SER A 158 -49.36 0.89 -17.87
CA SER A 158 -50.70 0.52 -18.28
C SER A 158 -51.71 1.09 -17.29
N ASP A 159 -52.94 1.27 -17.76
CA ASP A 159 -53.99 1.83 -16.91
C ASP A 159 -54.45 0.88 -15.83
N ASP A 160 -54.10 -0.40 -15.92
CA ASP A 160 -54.64 -1.43 -15.03
C ASP A 160 -53.70 -1.81 -13.89
N ASP A 161 -52.40 -1.81 -14.12
CA ASP A 161 -51.47 -2.38 -13.16
C ASP A 161 -51.38 -1.54 -11.89
N ILE A 162 -51.13 -2.21 -10.78
CA ILE A 162 -50.98 -1.60 -9.46
C ILE A 162 -49.64 -2.06 -8.89
N TYR A 163 -48.78 -1.12 -8.56
CA TYR A 163 -47.43 -1.42 -8.07
C TYR A 163 -47.31 -1.08 -6.59
N ASP A 164 -46.53 -1.89 -5.88
CA ASP A 164 -46.27 -1.69 -4.46
C ASP A 164 -44.78 -1.81 -4.19
N CYS A 165 -44.28 -1.02 -3.26
CA CYS A 165 -42.90 -1.09 -2.81
C CYS A 165 -42.90 -1.59 -1.37
N LYS A 166 -42.50 -2.85 -1.18
CA LYS A 166 -42.49 -3.46 0.14
C LYS A 166 -41.16 -3.21 0.83
N VAL A 167 -41.21 -2.69 2.05
CA VAL A 167 -40.03 -2.35 2.83
C VAL A 167 -40.05 -3.16 4.11
N GLU A 168 -39.01 -3.96 4.33
CA GLU A 168 -38.86 -4.76 5.55
C GLU A 168 -37.63 -4.30 6.30
N HIS A 169 -37.79 -4.00 7.59
CA HIS A 169 -36.70 -3.49 8.41
C HIS A 169 -36.91 -3.95 9.84
N TRP A 170 -35.80 -3.96 10.60
CA TRP A 170 -35.87 -4.39 11.99
C TRP A 170 -36.72 -3.45 12.82
N GLY A 171 -36.78 -2.17 12.46
CA GLY A 171 -37.59 -1.21 13.17
C GLY A 171 -39.04 -1.13 12.75
N LEU A 172 -39.53 -2.12 12.01
CA LEU A 172 -40.91 -2.16 11.54
C LEU A 172 -41.58 -3.40 12.09
N GLU A 173 -42.66 -3.20 12.86
CA GLU A 173 -43.45 -4.34 13.33
C GLU A 173 -44.14 -5.04 12.17
N GLU A 174 -44.58 -4.27 11.17
CA GLU A 174 -45.19 -4.78 9.96
C GLU A 174 -44.51 -4.14 8.75
N PRO A 175 -44.41 -4.85 7.63
CA PRO A 175 -43.78 -4.28 6.44
C PRO A 175 -44.55 -3.06 5.93
N VAL A 176 -43.81 -2.09 5.42
CA VAL A 176 -44.38 -0.86 4.88
C VAL A 176 -44.65 -1.06 3.41
N LEU A 177 -45.83 -0.64 2.96
CA LEU A 177 -46.27 -0.80 1.58
C LEU A 177 -46.72 0.54 1.03
N LYS A 178 -46.00 1.04 0.03
CA LYS A 178 -46.37 2.26 -0.68
C LYS A 178 -46.93 1.89 -2.05
N HIS A 179 -48.06 2.47 -2.40
CA HIS A 179 -48.78 2.13 -3.63
C HIS A 179 -48.55 3.17 -4.71
N TRP A 180 -48.79 2.78 -5.95
CA TRP A 180 -48.68 3.69 -7.08
C TRP A 180 -49.50 3.14 -8.24
N THR A 181 -50.21 4.02 -8.93
CA THR A 181 -50.97 3.68 -10.12
C THR A 181 -50.68 4.74 -11.20
N SER A 182 -51.12 4.44 -12.42
CA SER A 182 -50.81 5.32 -13.55
C SER A 182 -51.54 6.65 -13.49
N GLY A 183 -52.61 6.76 -12.68
CA GLY A 183 -53.38 7.97 -12.64
C GLY A 183 -53.26 8.75 -11.34
N LEU A 184 -52.08 8.75 -10.74
CA LEU A 184 -51.82 9.42 -9.48
C LEU A 184 -50.98 10.67 -9.71
N GLU A 185 -50.89 11.49 -8.67
CA GLU A 185 -50.06 12.69 -8.69
C GLU A 185 -49.22 12.73 -7.41
N VAL A 186 -48.03 13.30 -7.53
CA VAL A 186 -47.11 13.37 -6.39
C VAL A 186 -46.11 14.50 -6.60
N GLN B 1 -9.53 10.51 -14.46
CA GLN B 1 -8.32 9.77 -14.81
C GLN B 1 -7.96 8.77 -13.71
N VAL B 2 -7.65 9.28 -12.52
CA VAL B 2 -7.40 8.45 -11.35
C VAL B 2 -7.90 9.18 -10.12
N TYR B 3 -8.76 8.54 -9.34
CA TYR B 3 -9.31 9.15 -8.13
C TYR B 3 -8.44 8.86 -6.93
N SER B 4 -8.30 9.85 -6.06
CA SER B 4 -7.59 9.71 -4.80
C SER B 4 -8.59 9.66 -3.65
N LEU B 5 -8.24 8.91 -2.61
CA LEU B 5 -9.13 8.68 -1.49
C LEU B 5 -8.51 9.18 -0.19
N ILE B 6 -9.38 9.50 0.76
CA ILE B 6 -8.96 9.91 2.10
C ILE B 6 -8.84 8.67 2.97
N ARG B 7 -7.72 8.56 3.68
CA ARG B 7 -7.47 7.41 4.54
C ARG B 7 -7.75 7.77 5.98
N PRO B 8 -8.63 7.05 6.67
CA PRO B 8 -8.89 7.36 8.09
C PRO B 8 -7.78 6.88 8.99
N ASN B 9 -7.59 7.62 10.09
CA ASN B 9 -6.58 7.25 11.07
C ASN B 9 -7.06 6.07 11.91
N GLU B 10 -6.11 5.35 12.48
CA GLU B 10 -6.38 4.14 13.22
C GLU B 10 -6.33 4.40 14.73
N ASN B 11 -7.14 3.64 15.47
CA ASN B 11 -7.12 3.69 16.92
C ASN B 11 -5.91 2.91 17.45
N PRO B 12 -5.19 3.46 18.43
CA PRO B 12 -4.04 2.74 18.97
C PRO B 12 -4.44 1.63 19.91
N ALA B 13 -3.60 0.60 19.96
CA ALA B 13 -3.78 -0.56 20.83
C ALA B 13 -5.16 -1.19 20.67
N ARG B 35 -26.86 -6.80 20.10
CA ARG B 35 -25.57 -6.12 20.12
C ARG B 35 -25.10 -5.79 18.70
N HIS B 36 -25.79 -4.86 18.05
CA HIS B 36 -25.47 -4.42 16.70
C HIS B 36 -24.83 -3.04 16.77
N PHE B 37 -23.74 -2.86 16.03
CA PHE B 37 -22.98 -1.61 16.03
C PHE B 37 -22.70 -1.18 14.61
N VAL B 38 -22.73 0.13 14.37
CA VAL B 38 -22.47 0.72 13.07
C VAL B 38 -21.36 1.74 13.21
N TYR B 39 -20.36 1.66 12.34
CA TYR B 39 -19.26 2.62 12.31
C TYR B 39 -19.22 3.28 10.94
N GLN B 40 -19.10 4.61 10.92
CA GLN B 40 -19.07 5.37 9.69
C GLN B 40 -17.86 6.28 9.67
N PHE B 41 -17.20 6.36 8.51
CA PHE B 41 -16.16 7.35 8.25
C PHE B 41 -16.42 7.98 6.89
N MET B 42 -16.18 9.28 6.79
CA MET B 42 -16.40 9.99 5.54
C MET B 42 -15.49 11.21 5.48
N GLY B 43 -14.86 11.39 4.32
CA GLY B 43 -14.05 12.57 4.07
C GLY B 43 -14.68 13.46 3.03
N GLU B 44 -14.92 14.72 3.37
CA GLU B 44 -15.69 15.64 2.56
C GLU B 44 -14.80 16.77 2.05
N CYS B 45 -14.93 17.09 0.76
CA CYS B 45 -14.21 18.19 0.14
C CYS B 45 -15.21 19.22 -0.34
N TYR B 46 -15.13 20.43 0.21
CA TYR B 46 -16.04 21.51 -0.14
C TYR B 46 -15.32 22.50 -1.05
N PHE B 47 -15.89 22.75 -2.21
CA PHE B 47 -15.31 23.64 -3.22
C PHE B 47 -16.21 24.84 -3.44
N THR B 48 -15.60 26.02 -3.55
CA THR B 48 -16.35 27.26 -3.75
C THR B 48 -16.03 27.88 -5.10
N ASN B 49 -14.85 28.48 -5.27
CA ASN B 49 -14.44 29.02 -6.57
C ASN B 49 -13.54 28.01 -7.30
N GLY B 50 -14.10 26.82 -7.50
CA GLY B 50 -13.33 25.72 -8.05
C GLY B 50 -12.37 25.15 -7.02
N THR B 51 -11.12 25.58 -7.06
CA THR B 51 -10.13 25.19 -6.05
C THR B 51 -9.57 26.39 -5.30
N GLN B 52 -10.10 27.59 -5.53
CA GLN B 52 -9.64 28.77 -4.81
C GLN B 52 -10.07 28.76 -3.36
N ARG B 53 -11.12 28.02 -3.02
CA ARG B 53 -11.57 27.90 -1.63
C ARG B 53 -11.96 26.44 -1.42
N ILE B 54 -11.08 25.66 -0.79
CA ILE B 54 -11.30 24.26 -0.51
C ILE B 54 -11.37 24.08 0.99
N ARG B 55 -12.44 23.45 1.48
CA ARG B 55 -12.58 23.09 2.88
C ARG B 55 -12.64 21.57 2.99
N TYR B 56 -11.86 21.01 3.90
CA TYR B 56 -11.67 19.57 4.01
C TYR B 56 -12.05 19.12 5.41
N VAL B 57 -12.99 18.18 5.50
CA VAL B 57 -13.54 17.72 6.76
C VAL B 57 -13.63 16.20 6.74
N THR B 58 -13.15 15.56 7.81
CA THR B 58 -13.35 14.13 8.02
C THR B 58 -14.19 13.92 9.27
N ARG B 59 -15.00 12.86 9.25
CA ARG B 59 -15.93 12.56 10.33
C ARG B 59 -15.82 11.11 10.73
N TYR B 60 -15.70 10.86 12.03
CA TYR B 60 -15.70 9.51 12.59
C TYR B 60 -16.99 9.33 13.38
N ILE B 61 -17.84 8.41 12.93
CA ILE B 61 -19.17 8.22 13.51
C ILE B 61 -19.23 6.83 14.11
N TYR B 62 -19.74 6.75 15.34
CA TYR B 62 -19.97 5.48 16.04
C TYR B 62 -21.40 5.48 16.56
N ASN B 63 -22.27 4.71 15.91
CA ASN B 63 -23.68 4.59 16.30
C ASN B 63 -24.38 5.95 16.27
N ARG B 64 -24.40 6.55 15.07
CA ARG B 64 -25.07 7.83 14.82
C ARG B 64 -24.54 8.94 15.73
N GLU B 65 -23.29 8.82 16.19
CA GLU B 65 -22.70 9.81 17.09
C GLU B 65 -21.28 10.11 16.60
N GLU B 66 -21.13 11.25 15.94
CA GLU B 66 -19.81 11.72 15.55
C GLU B 66 -19.00 12.04 16.81
N TYR B 67 -17.83 11.40 16.93
CA TYR B 67 -17.00 11.58 18.11
C TYR B 67 -15.64 12.19 17.84
N VAL B 68 -15.13 12.12 16.61
CA VAL B 68 -13.89 12.78 16.23
C VAL B 68 -14.07 13.40 14.85
N ARG B 69 -13.66 14.66 14.70
CA ARG B 69 -13.75 15.34 13.43
C ARG B 69 -12.48 16.16 13.20
N TYR B 70 -11.92 16.04 12.00
CA TYR B 70 -10.86 16.94 11.54
C TYR B 70 -11.49 17.97 10.61
N ASP B 71 -11.13 19.24 10.81
CA ASP B 71 -11.63 20.33 10.00
C ASP B 71 -10.46 21.21 9.58
N SER B 72 -10.32 21.43 8.27
CA SER B 72 -9.22 22.24 7.76
C SER B 72 -9.27 23.67 8.30
N ASP B 73 -10.44 24.15 8.70
CA ASP B 73 -10.53 25.47 9.33
C ASP B 73 -9.93 25.48 10.72
N VAL B 74 -9.87 24.32 11.38
CA VAL B 74 -9.23 24.23 12.70
C VAL B 74 -7.78 23.82 12.58
N GLY B 75 -7.46 22.91 11.66
CA GLY B 75 -6.11 22.47 11.44
C GLY B 75 -5.68 21.25 12.24
N GLU B 76 -6.56 20.69 13.06
CA GLU B 76 -6.23 19.54 13.87
C GLU B 76 -7.49 18.79 14.22
N HIS B 77 -7.33 17.55 14.66
CA HIS B 77 -8.47 16.75 15.07
C HIS B 77 -9.06 17.28 16.36
N ARG B 78 -10.38 17.22 16.47
CA ARG B 78 -11.11 17.68 17.64
C ARG B 78 -12.12 16.63 18.06
N ALA B 79 -12.29 16.48 19.38
CA ALA B 79 -13.23 15.51 19.93
C ALA B 79 -14.63 16.11 19.91
N VAL B 80 -15.51 15.54 19.09
CA VAL B 80 -16.89 16.03 19.05
C VAL B 80 -17.62 15.69 20.34
N THR B 81 -17.43 14.46 20.83
CA THR B 81 -17.97 14.02 22.11
C THR B 81 -16.82 13.55 23.00
N GLU B 82 -17.17 13.24 24.25
CA GLU B 82 -16.17 12.79 25.21
C GLU B 82 -15.52 11.48 24.80
N LEU B 83 -16.20 10.66 23.99
CA LEU B 83 -15.66 9.38 23.56
C LEU B 83 -14.43 9.54 22.67
N GLY B 84 -14.26 10.69 22.02
CA GLY B 84 -13.18 10.91 21.09
C GLY B 84 -11.99 11.68 21.60
N ARG B 85 -11.95 12.00 22.90
CA ARG B 85 -10.80 12.74 23.43
C ARG B 85 -9.49 11.98 23.29
N PRO B 86 -9.39 10.69 23.62
CA PRO B 86 -8.09 10.01 23.43
C PRO B 86 -7.67 9.91 21.98
N ASP B 87 -8.61 9.69 21.06
CA ASP B 87 -8.24 9.53 19.66
C ASP B 87 -7.78 10.84 19.04
N ALA B 88 -8.43 11.94 19.39
CA ALA B 88 -8.03 13.24 18.84
C ALA B 88 -6.68 13.68 19.37
N GLU B 89 -6.42 13.42 20.66
CA GLU B 89 -5.13 13.80 21.24
C GLU B 89 -4.00 12.95 20.69
N TYR B 90 -4.25 11.65 20.47
CA TYR B 90 -3.20 10.76 19.98
C TYR B 90 -2.85 11.08 18.53
N TRP B 91 -3.85 11.32 17.69
CA TRP B 91 -3.58 11.58 16.28
C TRP B 91 -2.89 12.93 16.08
N ASN B 92 -3.24 13.92 16.90
CA ASN B 92 -2.60 15.23 16.79
C ASN B 92 -1.22 15.26 17.44
N SER B 93 -0.93 14.33 18.35
CA SER B 93 0.38 14.27 18.98
C SER B 93 1.44 13.65 18.08
N GLN B 94 1.03 12.89 17.07
CA GLN B 94 1.98 12.29 16.13
C GLN B 94 2.15 13.22 14.95
N PRO B 95 3.33 13.83 14.75
CA PRO B 95 3.49 14.76 13.62
C PRO B 95 3.27 14.12 12.26
N GLU B 96 3.80 12.90 12.05
CA GLU B 96 3.62 12.24 10.77
C GLU B 96 2.17 11.90 10.48
N ILE B 97 1.34 11.79 11.51
CA ILE B 97 -0.08 11.52 11.30
C ILE B 97 -0.83 12.83 11.03
N LEU B 98 -0.56 13.86 11.82
CA LEU B 98 -1.25 15.14 11.63
C LEU B 98 -0.90 15.76 10.29
N GLU B 99 0.36 15.62 9.85
CA GLU B 99 0.75 16.19 8.56
C GLU B 99 0.16 15.42 7.40
N ARG B 100 -0.06 14.12 7.56
CA ARG B 100 -0.68 13.34 6.48
C ARG B 100 -2.14 13.71 6.32
N THR B 101 -2.84 13.97 7.43
CA THR B 101 -4.24 14.37 7.35
C THR B 101 -4.36 15.78 6.77
N ARG B 102 -3.49 16.69 7.17
CA ARG B 102 -3.54 18.05 6.65
C ARG B 102 -3.29 18.07 5.14
N ALA B 103 -2.33 17.29 4.67
CA ALA B 103 -1.97 17.30 3.26
C ALA B 103 -3.04 16.69 2.37
N GLU B 104 -4.05 16.04 2.93
CA GLU B 104 -5.09 15.44 2.11
C GLU B 104 -5.97 16.47 1.41
N LEU B 105 -5.93 17.73 1.87
CA LEU B 105 -6.65 18.77 1.14
C LEU B 105 -6.06 18.98 -0.25
N ASP B 106 -4.76 18.75 -0.40
CA ASP B 106 -4.10 18.86 -1.70
C ASP B 106 -4.05 17.52 -2.43
N THR B 107 -3.72 16.45 -1.73
CA THR B 107 -3.54 15.15 -2.37
C THR B 107 -4.87 14.45 -2.68
N VAL B 108 -5.99 14.93 -2.15
CA VAL B 108 -7.28 14.31 -2.41
C VAL B 108 -8.25 15.34 -2.97
N CYS B 109 -8.56 16.36 -2.18
CA CYS B 109 -9.56 17.35 -2.57
C CYS B 109 -9.13 18.08 -3.84
N ARG B 110 -7.95 18.70 -3.81
CA ARG B 110 -7.50 19.47 -4.96
C ARG B 110 -7.19 18.57 -6.15
N HIS B 111 -6.67 17.36 -5.89
CA HIS B 111 -6.32 16.45 -6.98
C HIS B 111 -7.57 15.95 -7.70
N ASN B 112 -8.59 15.54 -6.94
CA ASN B 112 -9.79 14.98 -7.57
C ASN B 112 -10.54 16.02 -8.38
N TYR B 113 -10.66 17.25 -7.87
CA TYR B 113 -11.39 18.28 -8.59
C TYR B 113 -10.68 18.65 -9.88
N GLU B 114 -9.39 18.96 -9.80
CA GLU B 114 -8.61 19.37 -10.97
C GLU B 114 -8.24 18.19 -11.87
N GLY B 115 -8.55 16.96 -11.48
CA GLY B 115 -8.15 15.80 -12.24
C GLY B 115 -9.30 15.02 -12.80
N PRO B 116 -9.70 13.95 -12.11
CA PRO B 116 -10.74 13.07 -12.66
C PRO B 116 -12.10 13.74 -12.79
N GLU B 117 -12.49 14.58 -11.83
CA GLU B 117 -13.80 15.23 -11.91
C GLU B 117 -13.90 16.16 -13.10
N THR B 118 -12.78 16.67 -13.60
CA THR B 118 -12.82 17.50 -14.81
C THR B 118 -13.23 16.70 -16.03
N HIS B 119 -12.97 15.39 -16.03
CA HIS B 119 -13.35 14.53 -17.14
C HIS B 119 -14.71 13.87 -16.95
N THR B 120 -15.23 13.83 -15.72
CA THR B 120 -16.46 13.10 -15.45
C THR B 120 -17.59 14.02 -15.01
N SER B 121 -17.65 14.33 -13.70
CA SER B 121 -18.82 15.03 -13.16
C SER B 121 -18.95 16.43 -13.73
N LEU B 122 -17.85 17.21 -13.72
CA LEU B 122 -17.89 18.58 -14.20
C LEU B 122 -18.14 18.68 -15.70
N ARG B 123 -18.16 17.55 -16.42
CA ARG B 123 -18.42 17.54 -17.84
C ARG B 123 -19.77 16.97 -18.22
N ARG B 124 -20.40 16.18 -17.34
CA ARG B 124 -21.69 15.59 -17.64
C ARG B 124 -22.75 16.67 -17.81
N LEU B 125 -23.43 16.63 -18.96
CA LEU B 125 -24.52 17.55 -19.26
C LEU B 125 -25.67 16.75 -19.87
N GLU B 126 -26.84 16.84 -19.25
CA GLU B 126 -28.04 16.18 -19.75
C GLU B 126 -29.11 17.24 -20.00
N GLN B 127 -29.61 17.29 -21.23
CA GLN B 127 -30.58 18.31 -21.61
C GLN B 127 -31.95 17.97 -21.02
N PRO B 128 -32.69 18.97 -20.56
CA PRO B 128 -33.98 18.71 -19.91
C PRO B 128 -35.10 18.49 -20.92
N ASN B 129 -36.14 17.80 -20.45
N ASN B 129 -36.14 17.82 -20.45
CA ASN B 129 -37.36 17.58 -21.21
CA ASN B 129 -37.35 17.59 -21.23
C ASN B 129 -38.49 18.36 -20.56
C ASN B 129 -38.50 18.33 -20.56
N VAL B 130 -39.23 19.12 -21.35
CA VAL B 130 -40.29 19.99 -20.86
C VAL B 130 -41.63 19.53 -21.43
N VAL B 131 -42.60 19.32 -20.55
CA VAL B 131 -43.98 19.03 -20.95
C VAL B 131 -44.88 19.98 -20.19
N ILE B 132 -46.04 20.28 -20.77
CA ILE B 132 -46.81 21.41 -20.30
C ILE B 132 -48.25 21.04 -19.96
N SER B 133 -48.52 19.75 -19.78
CA SER B 133 -49.86 19.30 -19.42
C SER B 133 -50.35 20.00 -18.15
N LEU B 134 -51.66 20.24 -18.11
CA LEU B 134 -52.28 21.00 -17.03
C LEU B 134 -53.37 20.18 -16.36
N SER B 135 -53.57 20.45 -15.07
CA SER B 135 -54.60 19.83 -14.25
C SER B 135 -54.65 20.58 -12.93
N ARG B 136 -55.85 20.71 -12.38
CA ARG B 136 -56.06 21.50 -11.17
C ARG B 136 -57.10 20.82 -10.29
N THR B 137 -57.19 21.30 -9.05
CA THR B 137 -58.17 20.80 -8.09
C THR B 137 -59.03 21.94 -7.54
N THR B 145 -52.66 23.79 -10.76
CA THR B 145 -53.13 24.39 -12.00
C THR B 145 -51.98 24.69 -12.95
N LEU B 146 -52.05 24.16 -14.16
CA LEU B 146 -51.12 24.46 -15.25
C LEU B 146 -49.66 24.40 -14.77
N VAL B 147 -49.20 23.16 -14.58
CA VAL B 147 -47.86 22.91 -14.07
C VAL B 147 -46.94 22.57 -15.23
N CYS B 148 -45.66 22.92 -15.08
CA CYS B 148 -44.63 22.64 -16.07
C CYS B 148 -43.66 21.63 -15.49
N SER B 149 -43.48 20.52 -16.19
CA SER B 149 -42.63 19.43 -15.72
C SER B 149 -41.33 19.42 -16.50
N VAL B 150 -40.22 19.61 -15.79
CA VAL B 150 -38.88 19.60 -16.38
C VAL B 150 -38.13 18.43 -15.77
N THR B 151 -37.87 17.40 -16.58
CA THR B 151 -37.36 16.13 -16.08
C THR B 151 -36.06 15.76 -16.79
N ASP B 152 -35.26 14.94 -16.09
CA ASP B 152 -34.05 14.34 -16.64
C ASP B 152 -33.05 15.37 -17.12
N PHE B 153 -32.34 16.01 -16.19
CA PHE B 153 -31.31 16.97 -16.54
C PHE B 153 -30.20 16.93 -15.50
N TYR B 154 -29.05 17.47 -15.88
CA TYR B 154 -27.88 17.53 -14.99
C TYR B 154 -26.97 18.64 -15.49
N PRO B 155 -26.44 19.49 -14.60
CA PRO B 155 -26.55 19.47 -13.14
C PRO B 155 -27.88 20.03 -12.62
N ALA B 156 -28.01 20.19 -11.31
CA ALA B 156 -29.27 20.62 -10.73
C ALA B 156 -29.52 22.11 -10.94
N LYS B 157 -28.51 22.88 -11.33
CA LYS B 157 -28.67 24.31 -11.56
C LYS B 157 -29.54 24.53 -12.78
N ILE B 158 -30.73 25.09 -12.57
CA ILE B 158 -31.69 25.30 -13.64
C ILE B 158 -32.63 26.42 -13.24
N LYS B 159 -33.14 27.14 -14.24
CA LYS B 159 -34.05 28.26 -14.03
C LYS B 159 -35.29 28.05 -14.89
N VAL B 160 -36.45 28.00 -14.26
CA VAL B 160 -37.72 27.81 -14.94
C VAL B 160 -38.56 29.07 -14.75
N ARG B 161 -39.25 29.49 -15.81
CA ARG B 161 -40.03 30.72 -15.79
C ARG B 161 -41.34 30.53 -16.53
N TRP B 162 -42.35 31.28 -16.10
CA TRP B 162 -43.66 31.29 -16.72
C TRP B 162 -43.89 32.65 -17.37
N PHE B 163 -44.43 32.63 -18.60
CA PHE B 163 -44.63 33.89 -19.33
C PHE B 163 -45.66 33.66 -20.44
N ARG B 164 -46.87 34.16 -20.24
CA ARG B 164 -47.84 34.22 -21.34
C ARG B 164 -47.43 35.29 -22.34
N ASN B 165 -47.28 36.52 -21.88
CA ASN B 165 -46.65 37.59 -22.66
C ASN B 165 -45.53 38.19 -21.83
N GLY B 166 -45.81 38.45 -20.56
CA GLY B 166 -44.78 38.85 -19.62
C GLY B 166 -44.82 37.96 -18.40
N GLN B 167 -43.63 37.74 -17.82
CA GLN B 167 -43.51 36.84 -16.68
C GLN B 167 -44.29 37.36 -15.49
N GLU B 168 -44.97 36.45 -14.79
CA GLU B 168 -45.79 36.78 -13.63
C GLU B 168 -45.29 35.99 -12.42
N GLU B 169 -44.97 36.70 -11.34
CA GLU B 169 -44.49 36.03 -10.13
C GLU B 169 -45.62 35.29 -9.45
N THR B 170 -46.72 35.99 -9.15
CA THR B 170 -47.90 35.40 -8.52
C THR B 170 -47.56 34.66 -7.22
N VAL B 173 -48.12 31.15 -7.27
CA VAL B 173 -47.17 30.28 -7.95
C VAL B 173 -46.17 29.70 -6.97
N SER B 174 -46.10 28.37 -6.92
CA SER B 174 -45.12 27.66 -6.11
C SER B 174 -44.52 26.55 -6.94
N SER B 175 -43.29 26.16 -6.59
CA SER B 175 -42.57 25.10 -7.27
C SER B 175 -42.14 24.06 -6.25
N THR B 176 -42.07 22.80 -6.71
CA THR B 176 -41.60 21.73 -5.85
C THR B 176 -40.09 21.85 -5.63
N GLN B 177 -39.61 21.17 -4.60
CA GLN B 177 -38.18 21.12 -4.35
C GLN B 177 -37.49 20.30 -5.43
N LEU B 178 -36.18 20.48 -5.54
CA LEU B 178 -35.40 19.73 -6.52
C LEU B 178 -35.44 18.25 -6.22
N ILE B 179 -36.01 17.48 -7.14
CA ILE B 179 -36.13 16.03 -6.98
C ILE B 179 -34.87 15.37 -7.51
N ARG B 180 -34.24 14.55 -6.68
CA ARG B 180 -33.01 13.85 -7.02
C ARG B 180 -33.37 12.41 -7.36
N ASN B 181 -33.28 12.06 -8.65
CA ASN B 181 -33.65 10.71 -9.09
C ASN B 181 -32.65 9.66 -8.63
N GLY B 182 -31.42 10.05 -8.31
CA GLY B 182 -30.41 9.12 -7.86
C GLY B 182 -29.55 8.52 -8.95
N ASP B 183 -29.91 8.73 -10.22
CA ASP B 183 -29.13 8.24 -11.35
C ASP B 183 -28.47 9.38 -12.12
N TRP B 184 -27.98 10.38 -11.38
CA TRP B 184 -27.34 11.56 -11.96
C TRP B 184 -28.28 12.35 -12.85
N THR B 185 -29.57 12.36 -12.50
CA THR B 185 -30.56 13.20 -13.18
C THR B 185 -31.46 13.84 -12.13
N PHE B 186 -32.13 14.91 -12.53
CA PHE B 186 -33.03 15.64 -11.65
C PHE B 186 -34.32 15.95 -12.39
N GLN B 187 -35.34 16.31 -11.63
CA GLN B 187 -36.61 16.75 -12.18
C GLN B 187 -37.23 17.76 -11.23
N VAL B 188 -38.04 18.66 -11.78
CA VAL B 188 -38.67 19.72 -10.99
C VAL B 188 -40.04 20.02 -11.58
N LEU B 189 -40.95 20.49 -10.72
CA LEU B 189 -42.32 20.81 -11.11
C LEU B 189 -42.65 22.20 -10.58
N VAL B 190 -42.94 23.12 -11.49
CA VAL B 190 -43.35 24.48 -11.15
C VAL B 190 -44.84 24.62 -11.44
N MET B 191 -45.59 25.16 -10.49
CA MET B 191 -47.03 25.29 -10.58
C MET B 191 -47.43 26.75 -10.77
N LEU B 192 -48.29 27.02 -11.74
CA LEU B 192 -48.80 28.35 -12.01
C LEU B 192 -50.17 28.48 -11.36
N GLU B 193 -50.23 29.21 -10.23
CA GLU B 193 -51.48 29.35 -9.51
C GLU B 193 -52.58 29.93 -10.39
N MET B 194 -52.25 30.90 -11.25
CA MET B 194 -53.23 31.49 -12.13
C MET B 194 -53.76 30.45 -13.12
N THR B 195 -55.02 30.62 -13.50
CA THR B 195 -55.68 29.70 -14.42
C THR B 195 -55.03 29.75 -15.80
N VAL B 201 -51.90 32.05 -25.12
CA VAL B 201 -50.58 31.62 -25.55
C VAL B 201 -49.58 31.71 -24.40
N TYR B 202 -49.47 30.63 -23.63
CA TYR B 202 -48.56 30.56 -22.49
C TYR B 202 -47.28 29.82 -22.89
N THR B 203 -46.21 30.12 -22.17
CA THR B 203 -44.91 29.52 -22.44
C THR B 203 -44.19 29.22 -21.14
N CYS B 204 -43.62 28.02 -21.05
CA CYS B 204 -42.74 27.64 -19.94
C CYS B 204 -41.30 27.85 -20.40
N HIS B 205 -40.60 28.75 -19.72
CA HIS B 205 -39.24 29.16 -20.10
C HIS B 205 -38.24 28.45 -19.20
N VAL B 206 -37.28 27.76 -19.82
CA VAL B 206 -36.29 26.95 -19.10
C VAL B 206 -34.91 27.30 -19.61
N GLU B 207 -34.00 27.61 -18.68
CA GLU B 207 -32.60 27.88 -19.00
C GLU B 207 -31.73 26.92 -18.21
N HIS B 208 -30.85 26.21 -18.90
CA HIS B 208 -30.00 25.18 -18.31
C HIS B 208 -28.61 25.25 -18.93
N PRO B 209 -27.57 24.94 -18.16
CA PRO B 209 -26.21 24.97 -18.72
C PRO B 209 -25.99 24.01 -19.89
N SER B 210 -26.85 23.01 -20.05
CA SER B 210 -26.71 22.07 -21.16
C SER B 210 -27.31 22.59 -22.46
N LEU B 211 -28.02 23.71 -22.42
CA LEU B 211 -28.72 24.24 -23.57
C LEU B 211 -27.98 25.45 -24.11
N LYS B 212 -27.77 25.48 -25.43
CA LYS B 212 -27.17 26.66 -26.05
C LYS B 212 -28.12 27.85 -26.05
N SER B 213 -29.42 27.58 -26.15
CA SER B 213 -30.45 28.60 -26.10
C SER B 213 -31.59 28.11 -25.21
N PRO B 214 -32.28 29.01 -24.51
CA PRO B 214 -33.34 28.57 -23.61
C PRO B 214 -34.47 27.87 -24.37
N ILE B 215 -35.04 26.85 -23.72
CA ILE B 215 -36.11 26.06 -24.31
C ILE B 215 -37.45 26.73 -24.04
N THR B 216 -38.24 26.92 -25.10
CA THR B 216 -39.58 27.47 -24.99
C THR B 216 -40.57 26.48 -25.56
N VAL B 217 -41.69 26.29 -24.85
CA VAL B 217 -42.75 25.37 -25.27
C VAL B 217 -44.06 26.13 -25.32
N GLU B 218 -44.85 25.89 -26.36
CA GLU B 218 -46.12 26.58 -26.56
C GLU B 218 -47.19 25.87 -25.74
N TRP B 219 -47.56 26.47 -24.61
CA TRP B 219 -48.56 25.88 -23.73
C TRP B 219 -49.96 26.03 -24.33
N THR B 220 -50.77 24.99 -24.16
CA THR B 220 -52.16 25.01 -24.63
C THR B 220 -53.16 25.23 -23.50
N GLY B 221 -52.74 25.05 -22.25
CA GLY B 221 -53.63 25.21 -21.12
C GLY B 221 -53.90 23.90 -20.41
N GLY C 2 1.18 5.94 -10.48
CA GLY C 2 2.60 5.78 -10.24
C GLY C 2 3.17 4.50 -10.81
N ASP C 3 3.68 4.58 -12.04
CA ASP C 3 4.18 3.41 -12.75
C ASP C 3 5.65 3.15 -12.47
N SER C 4 6.53 4.06 -12.92
CA SER C 4 7.94 3.79 -13.02
C SER C 4 8.77 4.78 -12.20
N VAL C 5 10.00 4.36 -11.89
CA VAL C 5 11.01 5.19 -11.25
C VAL C 5 12.33 4.88 -11.95
N THR C 6 12.86 5.85 -12.70
CA THR C 6 14.10 5.67 -13.44
C THR C 6 15.27 6.15 -12.60
N GLN C 7 16.32 5.34 -12.55
CA GLN C 7 17.48 5.60 -11.71
C GLN C 7 18.75 5.56 -12.57
N THR C 8 19.84 6.07 -12.01
CA THR C 8 21.11 6.09 -12.71
C THR C 8 21.63 4.68 -12.92
N GLU C 9 21.98 4.35 -14.16
CA GLU C 9 22.54 3.05 -14.48
C GLU C 9 23.95 2.94 -13.90
N GLY C 10 24.12 2.03 -12.94
CA GLY C 10 25.41 1.82 -12.33
C GLY C 10 26.33 0.99 -13.19
N PRO C 11 27.49 0.60 -12.63
CA PRO C 11 27.98 0.89 -11.27
C PRO C 11 28.75 2.20 -11.22
N VAL C 12 28.70 2.90 -10.10
CA VAL C 12 29.38 4.18 -9.93
C VAL C 12 30.67 3.93 -9.16
N THR C 13 31.80 4.26 -9.77
CA THR C 13 33.12 4.10 -9.16
C THR C 13 33.69 5.49 -8.87
N LEU C 14 33.86 5.80 -7.59
CA LEU C 14 34.37 7.09 -7.17
C LEU C 14 35.52 6.90 -6.19
N SER C 15 36.37 7.91 -6.11
CA SER C 15 37.44 7.93 -5.11
C SER C 15 36.94 8.57 -3.83
N GLU C 16 37.48 8.10 -2.70
CA GLU C 16 37.06 8.61 -1.41
C GLU C 16 37.40 10.08 -1.28
N GLY C 17 36.38 10.90 -1.04
CA GLY C 17 36.51 12.34 -0.99
C GLY C 17 35.78 13.07 -2.10
N THR C 18 35.39 12.36 -3.15
CA THR C 18 34.65 12.97 -4.24
C THR C 18 33.18 13.15 -3.85
N SER C 19 32.38 13.66 -4.79
CA SER C 19 30.97 13.90 -4.56
C SER C 19 30.14 12.91 -5.37
N LEU C 20 29.07 12.42 -4.77
CA LEU C 20 28.17 11.48 -5.42
C LEU C 20 26.95 12.21 -5.97
N THR C 21 26.45 11.71 -7.11
CA THR C 21 25.25 12.28 -7.72
C THR C 21 24.51 11.14 -8.43
N VAL C 22 23.49 10.59 -7.78
CA VAL C 22 22.67 9.53 -8.33
C VAL C 22 21.37 10.15 -8.79
N ASN C 23 21.13 10.16 -10.10
CA ASN C 23 19.93 10.75 -10.64
C ASN C 23 18.72 9.83 -10.42
N CYS C 24 17.56 10.46 -10.24
CA CYS C 24 16.30 9.73 -10.12
C CYS C 24 15.18 10.63 -10.63
N SER C 25 14.36 10.07 -11.52
CA SER C 25 13.22 10.78 -12.07
C SER C 25 12.00 9.88 -11.98
N TYR C 26 10.96 10.34 -11.30
CA TYR C 26 9.74 9.56 -11.10
C TYR C 26 8.65 10.02 -12.06
N GLU C 27 7.73 9.11 -12.34
CA GLU C 27 6.58 9.39 -13.20
C GLU C 27 5.34 8.80 -12.53
N THR C 28 4.44 9.67 -12.10
CA THR C 28 3.26 9.24 -11.37
C THR C 28 2.07 10.12 -11.75
N LYS C 29 0.87 9.63 -11.42
CA LYS C 29 -0.36 10.38 -11.63
C LYS C 29 -0.93 10.95 -10.34
N GLN C 30 -0.47 10.48 -9.18
CA GLN C 30 -0.92 10.96 -7.90
C GLN C 30 0.28 11.44 -7.08
N TYR C 31 -0.01 12.22 -6.04
CA TYR C 31 1.02 12.80 -5.20
C TYR C 31 1.81 11.70 -4.50
N PRO C 32 3.11 11.56 -4.75
CA PRO C 32 3.90 10.54 -4.08
C PRO C 32 4.69 11.07 -2.90
N THR C 33 5.22 10.16 -2.08
CA THR C 33 6.21 10.48 -1.07
C THR C 33 7.50 9.77 -1.46
N LEU C 34 8.58 10.54 -1.60
CA LEU C 34 9.82 10.02 -2.16
C LEU C 34 10.73 9.49 -1.07
N PHE C 35 11.44 8.40 -1.38
CA PHE C 35 12.31 7.72 -0.42
C PHE C 35 13.67 7.47 -1.07
N TRP C 36 14.66 7.23 -0.21
CA TRP C 36 15.97 6.71 -0.62
C TRP C 36 16.34 5.57 0.31
N TYR C 37 16.62 4.40 -0.26
CA TYR C 37 16.98 3.21 0.49
C TYR C 37 18.38 2.77 0.13
N VAL C 38 19.12 2.30 1.13
CA VAL C 38 20.48 1.81 0.96
C VAL C 38 20.53 0.35 1.44
N GLN C 39 21.20 -0.49 0.66
CA GLN C 39 21.33 -1.91 0.98
C GLN C 39 22.81 -2.28 0.94
N TYR C 40 23.35 -2.68 2.08
CA TYR C 40 24.74 -3.10 2.16
C TYR C 40 24.88 -4.54 1.71
N PRO C 41 26.09 -4.95 1.30
CA PRO C 41 26.25 -6.27 0.66
C PRO C 41 25.77 -7.45 1.50
N GLY C 42 25.67 -7.32 2.81
CA GLY C 42 25.25 -8.43 3.63
C GLY C 42 24.03 -8.13 4.50
N GLU C 43 23.28 -7.10 4.15
CA GLU C 43 22.13 -6.67 4.93
C GLU C 43 20.93 -6.48 4.01
N GLY C 44 19.79 -6.15 4.61
CA GLY C 44 18.60 -5.84 3.87
C GLY C 44 18.47 -4.35 3.65
N PRO C 45 17.58 -3.94 2.75
CA PRO C 45 17.42 -2.51 2.46
C PRO C 45 16.85 -1.78 3.67
N GLN C 46 17.53 -0.69 4.06
CA GLN C 46 17.11 0.13 5.18
C GLN C 46 16.91 1.57 4.73
N LEU C 47 15.96 2.24 5.37
CA LEU C 47 15.59 3.59 4.97
C LEU C 47 16.71 4.58 5.30
N LEU C 48 17.12 5.35 4.29
CA LEU C 48 18.08 6.43 4.53
C LEU C 48 17.35 7.68 5.04
N PHE C 49 16.42 8.19 4.25
CA PHE C 49 15.58 9.31 4.65
C PHE C 49 14.37 9.36 3.73
N LYS C 50 13.35 10.11 4.16
CA LYS C 50 12.13 10.27 3.39
C LYS C 50 11.77 11.75 3.29
N VAL C 51 11.08 12.09 2.21
CA VAL C 51 10.61 13.46 2.00
C VAL C 51 9.12 13.41 1.68
N PRO C 52 8.25 13.69 2.64
CA PRO C 52 6.81 13.65 2.37
C PRO C 52 6.30 14.89 1.65
N LYS C 53 6.79 16.06 2.04
CA LYS C 53 6.33 17.32 1.48
C LYS C 53 7.13 17.67 0.24
N ALA C 54 6.44 18.04 -0.84
CA ALA C 54 7.10 18.37 -2.08
C ALA C 54 7.88 19.68 -1.95
N ASN C 55 8.88 19.84 -2.82
CA ASN C 55 9.74 21.03 -2.86
C ASN C 55 10.51 21.21 -1.55
N GLU C 56 10.76 20.12 -0.83
CA GLU C 56 11.60 20.12 0.36
C GLU C 56 12.73 19.11 0.16
N LYS C 57 13.64 19.08 1.15
CA LYS C 57 14.82 18.23 1.08
C LYS C 57 14.96 17.43 2.37
N GLY C 58 15.36 16.18 2.23
CA GLY C 58 15.66 15.31 3.36
C GLY C 58 17.15 15.04 3.41
N SER C 59 17.67 14.87 4.63
CA SER C 59 19.09 14.67 4.85
C SER C 59 19.32 13.48 5.75
N SER C 60 20.37 12.72 5.46
CA SER C 60 20.77 11.59 6.29
C SER C 60 22.27 11.39 6.11
N ARG C 61 23.01 11.44 7.20
CA ARG C 61 24.48 11.40 7.18
C ARG C 61 24.95 12.56 6.31
N GLY C 62 25.65 12.31 5.21
CA GLY C 62 26.01 13.35 4.27
C GLY C 62 25.17 13.36 3.01
N PHE C 63 24.11 12.56 2.94
CA PHE C 63 23.29 12.45 1.74
C PHE C 63 22.15 13.46 1.76
N GLU C 64 21.86 14.03 0.59
CA GLU C 64 20.76 14.97 0.43
C GLU C 64 20.02 14.64 -0.86
N ALA C 65 18.70 14.88 -0.84
CA ALA C 65 17.88 14.73 -2.03
C ALA C 65 16.75 15.74 -1.98
N THR C 66 16.40 16.29 -3.14
CA THR C 66 15.40 17.35 -3.23
C THR C 66 14.16 16.81 -3.94
N TYR C 67 13.01 16.93 -3.28
CA TYR C 67 11.72 16.61 -3.87
C TYR C 67 11.37 17.69 -4.89
N ASN C 68 12.04 17.68 -6.04
CA ASN C 68 11.81 18.70 -7.07
C ASN C 68 10.56 18.32 -7.85
N LYS C 69 9.43 18.95 -7.51
CA LYS C 69 8.18 18.64 -8.18
C LYS C 69 8.16 19.16 -9.62
N GLU C 70 8.91 20.22 -9.90
CA GLU C 70 8.92 20.79 -11.25
C GLU C 70 9.43 19.78 -12.27
N ALA C 71 10.65 19.30 -12.09
CA ALA C 71 11.26 18.34 -13.01
C ALA C 71 10.99 16.90 -12.62
N THR C 72 10.22 16.66 -11.56
CA THR C 72 9.95 15.32 -11.05
C THR C 72 11.25 14.53 -10.86
N SER C 73 12.10 15.06 -9.99
CA SER C 73 13.41 14.47 -9.72
C SER C 73 13.60 14.31 -8.22
N PHE C 74 14.54 13.45 -7.86
CA PHE C 74 14.90 13.18 -6.48
C PHE C 74 16.36 12.74 -6.44
N HIS C 75 17.24 13.62 -6.92
CA HIS C 75 18.65 13.27 -7.08
C HIS C 75 19.34 13.19 -5.73
N LEU C 76 20.07 12.10 -5.52
CA LEU C 76 20.84 11.90 -4.30
C LEU C 76 22.23 12.50 -4.47
N GLN C 77 22.67 13.27 -3.48
CA GLN C 77 23.96 13.94 -3.54
C GLN C 77 24.63 13.90 -2.18
N LYS C 78 25.95 13.66 -2.19
CA LYS C 78 26.77 13.71 -0.98
C LYS C 78 28.04 14.47 -1.29
N ALA C 79 28.46 15.32 -0.35
CA ALA C 79 29.63 16.17 -0.57
C ALA C 79 30.91 15.34 -0.63
N SER C 80 31.22 14.63 0.45
CA SER C 80 32.44 13.83 0.55
C SER C 80 32.04 12.37 0.77
N VAL C 81 32.21 11.54 -0.26
CA VAL C 81 31.88 10.13 -0.15
C VAL C 81 32.93 9.40 0.69
N GLN C 82 32.59 8.19 1.10
CA GLN C 82 33.47 7.39 1.93
C GLN C 82 33.37 5.93 1.50
N GLU C 83 34.40 5.16 1.85
CA GLU C 83 34.40 3.73 1.52
C GLU C 83 33.23 3.01 2.16
N SER C 84 32.90 3.37 3.40
CA SER C 84 31.81 2.72 4.12
C SER C 84 30.46 2.93 3.46
N ASP C 85 30.36 3.83 2.47
CA ASP C 85 29.12 4.05 1.75
C ASP C 85 29.01 3.23 0.47
N SER C 86 29.90 2.25 0.29
CA SER C 86 29.87 1.39 -0.89
C SER C 86 28.72 0.41 -0.74
N ALA C 87 27.62 0.68 -1.42
CA ALA C 87 26.43 -0.15 -1.35
C ALA C 87 25.56 0.12 -2.58
N VAL C 88 24.36 -0.43 -2.59
CA VAL C 88 23.39 -0.21 -3.65
C VAL C 88 22.31 0.72 -3.11
N TYR C 89 21.98 1.76 -3.88
CA TYR C 89 21.02 2.78 -3.48
C TYR C 89 19.78 2.68 -4.36
N TYR C 90 18.61 2.71 -3.73
CA TYR C 90 17.34 2.54 -4.41
C TYR C 90 16.48 3.78 -4.24
N CYS C 91 15.99 4.31 -5.37
CA CYS C 91 15.00 5.39 -5.36
C CYS C 91 13.62 4.76 -5.28
N ALA C 92 12.78 5.28 -4.38
CA ALA C 92 11.47 4.69 -4.14
C ALA C 92 10.45 5.78 -3.88
N LEU C 93 9.19 5.45 -4.13
CA LEU C 93 8.06 6.33 -3.85
C LEU C 93 6.87 5.51 -3.38
N SER C 94 5.87 6.21 -2.84
CA SER C 94 4.62 5.58 -2.44
C SER C 94 3.51 6.63 -2.58
N LEU C 95 2.36 6.19 -3.09
CA LEU C 95 1.25 7.11 -3.29
C LEU C 95 0.59 7.45 -1.95
N ASN C 96 0.41 8.74 -1.70
CA ASN C 96 -0.17 9.17 -0.43
C ASN C 96 -1.67 8.86 -0.36
N SER C 97 -2.37 8.91 -1.47
CA SER C 97 -3.82 8.74 -1.49
C SER C 97 -4.24 7.86 -2.66
N GLY C 98 -3.59 6.71 -2.79
CA GLY C 98 -3.93 5.80 -3.87
C GLY C 98 -3.43 4.38 -3.65
N GLY C 99 -4.28 3.40 -3.97
CA GLY C 99 -3.87 2.01 -3.90
C GLY C 99 -3.65 1.53 -2.47
N SER C 100 -2.75 0.55 -2.34
CA SER C 100 -2.49 -0.08 -1.06
C SER C 100 -1.49 0.73 -0.25
N ASN C 101 -1.53 0.53 1.07
CA ASN C 101 -0.55 1.12 1.96
C ASN C 101 0.72 0.27 1.99
N ALA C 102 1.81 0.90 2.43
CA ALA C 102 3.12 0.23 2.52
C ALA C 102 3.53 -0.39 1.17
N LYS C 103 3.27 0.34 0.09
CA LYS C 103 3.56 -0.13 -1.26
C LYS C 103 4.57 0.83 -1.89
N LEU C 104 5.81 0.37 -2.03
CA LEU C 104 6.88 1.18 -2.59
C LEU C 104 7.18 0.74 -4.02
N THR C 105 7.47 1.70 -4.88
CA THR C 105 7.90 1.45 -6.25
C THR C 105 9.38 1.79 -6.36
N PHE C 106 10.21 0.77 -6.53
CA PHE C 106 11.66 0.94 -6.55
C PHE C 106 12.18 1.04 -7.98
N GLY C 107 13.32 1.71 -8.12
CA GLY C 107 14.05 1.69 -9.37
C GLY C 107 14.90 0.45 -9.50
N LYS C 108 15.69 0.42 -10.58
CA LYS C 108 16.56 -0.73 -10.80
C LYS C 108 17.71 -0.78 -9.81
N GLY C 109 18.01 0.32 -9.14
CA GLY C 109 19.11 0.34 -8.19
C GLY C 109 20.41 0.75 -8.84
N THR C 110 21.24 1.46 -8.06
CA THR C 110 22.54 1.95 -8.51
C THR C 110 23.59 1.49 -7.52
N LYS C 111 24.59 0.75 -8.02
CA LYS C 111 25.67 0.26 -7.19
C LYS C 111 26.77 1.30 -7.09
N LEU C 112 27.31 1.47 -5.89
CA LEU C 112 28.38 2.43 -5.62
C LEU C 112 29.60 1.68 -5.09
N SER C 113 30.74 1.89 -5.74
CA SER C 113 32.01 1.33 -5.31
C SER C 113 32.99 2.47 -5.08
N VAL C 114 33.45 2.61 -3.84
CA VAL C 114 34.34 3.70 -3.45
C VAL C 114 35.72 3.12 -3.18
N LYS C 115 36.70 3.48 -4.01
CA LYS C 115 38.07 3.06 -3.82
C LYS C 115 38.83 4.11 -3.03
N SER C 116 39.67 3.66 -2.11
CA SER C 116 40.39 4.58 -1.24
C SER C 116 41.41 5.40 -2.02
N HIS C 117 41.67 6.61 -1.51
CA HIS C 117 42.65 7.48 -2.15
C HIS C 117 44.08 7.07 -1.78
N ILE C 118 44.35 6.95 -0.48
CA ILE C 118 45.66 6.54 0.02
C ILE C 118 46.76 7.44 -0.50
N PRO C 121 52.86 3.05 -1.24
CA PRO C 121 53.21 3.52 0.10
C PRO C 121 53.97 2.50 0.92
N ASP C 122 53.26 1.72 1.73
CA ASP C 122 53.87 0.67 2.56
C ASP C 122 53.02 -0.59 2.46
N PRO C 123 53.07 -1.29 1.32
CA PRO C 123 52.37 -2.57 1.21
C PRO C 123 53.10 -3.64 1.99
N ALA C 124 52.41 -4.77 2.19
CA ALA C 124 52.97 -5.87 2.96
C ALA C 124 52.27 -7.16 2.57
N VAL C 125 53.06 -8.17 2.20
CA VAL C 125 52.55 -9.49 1.84
C VAL C 125 53.18 -10.51 2.78
N TYR C 126 52.35 -11.25 3.50
CA TYR C 126 52.81 -12.23 4.47
C TYR C 126 52.34 -13.62 4.07
N GLN C 127 53.09 -14.64 4.51
CA GLN C 127 52.74 -16.03 4.30
C GLN C 127 52.47 -16.70 5.63
N LEU C 128 51.37 -17.45 5.71
CA LEU C 128 50.93 -18.11 6.94
C LEU C 128 50.42 -19.50 6.60
N ARG C 129 50.54 -20.40 7.58
CA ARG C 129 50.18 -21.81 7.39
C ARG C 129 49.96 -22.45 8.74
N ASP C 130 49.13 -23.50 8.76
CA ASP C 130 48.84 -24.21 10.00
C ASP C 130 48.33 -25.61 9.68
N SER C 131 49.00 -26.62 10.25
CA SER C 131 48.51 -28.00 10.33
C SER C 131 48.23 -28.63 8.97
N LYS C 132 48.81 -28.12 7.90
CA LYS C 132 48.58 -28.72 6.59
C LYS C 132 49.90 -28.95 5.89
N SER C 133 50.83 -28.01 6.08
CA SER C 133 52.18 -28.06 5.51
C SER C 133 52.13 -28.21 3.99
N LYS C 136 47.42 -26.10 2.37
CA LYS C 136 47.74 -25.11 1.35
C LYS C 136 48.53 -23.96 1.96
N SER C 137 48.72 -22.89 1.17
CA SER C 137 49.42 -21.70 1.62
C SER C 137 48.50 -20.49 1.47
N VAL C 138 48.46 -19.65 2.49
CA VAL C 138 47.59 -18.47 2.51
C VAL C 138 48.48 -17.23 2.56
N CYS C 139 48.16 -16.26 1.71
CA CYS C 139 48.91 -15.01 1.62
C CYS C 139 47.98 -13.83 1.89
N LEU C 140 48.52 -12.80 2.52
CA LEU C 140 47.75 -11.64 2.95
C LEU C 140 48.30 -10.40 2.28
N PHE C 141 47.44 -9.65 1.59
CA PHE C 141 47.84 -8.49 0.81
C PHE C 141 47.18 -7.25 1.41
N THR C 142 47.99 -6.30 1.88
CA THR C 142 47.50 -5.04 2.43
C THR C 142 47.66 -3.89 1.44
N ASP C 143 47.62 -4.18 0.14
CA ASP C 143 47.96 -3.20 -0.87
C ASP C 143 46.91 -2.09 -0.95
N PHE C 144 47.40 -0.85 -1.05
CA PHE C 144 46.48 0.27 -1.27
C PHE C 144 45.89 0.22 -2.68
N ASP C 145 46.67 -0.27 -3.65
CA ASP C 145 46.20 -0.39 -5.02
C ASP C 145 47.04 -1.40 -5.80
N SER C 153 43.46 -13.08 -10.22
CA SER C 153 44.75 -13.22 -10.87
C SER C 153 44.66 -14.09 -12.12
N LYS C 154 45.70 -14.04 -12.95
CA LYS C 154 45.73 -14.82 -14.18
C LYS C 154 46.13 -16.27 -13.96
N ASP C 155 46.77 -16.58 -12.83
CA ASP C 155 47.24 -17.93 -12.58
C ASP C 155 46.08 -18.85 -12.20
N SER C 156 46.20 -20.12 -12.60
CA SER C 156 45.19 -21.11 -12.31
C SER C 156 45.35 -21.64 -10.89
N ASP C 157 44.24 -22.16 -10.34
CA ASP C 157 44.20 -22.70 -8.99
C ASP C 157 44.63 -21.67 -7.95
N VAL C 158 44.49 -20.38 -8.27
CA VAL C 158 44.82 -19.29 -7.37
C VAL C 158 43.57 -18.47 -7.16
N TYR C 159 43.12 -18.38 -5.92
CA TYR C 159 41.90 -17.66 -5.56
C TYR C 159 42.28 -16.44 -4.74
N ILE C 160 41.89 -15.26 -5.22
CA ILE C 160 42.15 -14.00 -4.55
C ILE C 160 40.81 -13.39 -4.16
N THR C 161 40.64 -13.10 -2.87
CA THR C 161 39.40 -12.50 -2.41
C THR C 161 39.42 -10.98 -2.63
N ASP C 162 38.23 -10.40 -2.61
CA ASP C 162 38.10 -8.96 -2.68
C ASP C 162 38.66 -8.31 -1.41
N LYS C 163 39.26 -7.14 -1.57
CA LYS C 163 39.89 -6.46 -0.45
C LYS C 163 38.86 -6.01 0.57
N CYS C 164 39.04 -6.43 1.82
CA CYS C 164 38.16 -5.99 2.89
C CYS C 164 38.53 -4.58 3.34
N VAL C 165 37.51 -3.81 3.72
CA VAL C 165 37.73 -2.44 4.16
C VAL C 165 38.23 -2.40 5.60
N LEU C 166 37.61 -3.19 6.47
CA LEU C 166 37.97 -3.26 7.89
C LEU C 166 37.97 -1.88 8.54
N LYS C 174 42.03 3.44 8.10
CA LYS C 174 41.48 2.12 7.80
C LYS C 174 42.53 1.23 7.13
N SER C 175 42.50 -0.06 7.46
CA SER C 175 43.47 -1.02 6.98
C SER C 175 42.79 -2.00 6.03
N ASN C 176 43.33 -2.11 4.82
CA ASN C 176 42.81 -3.02 3.81
C ASN C 176 43.60 -4.33 3.83
N SER C 177 42.93 -5.41 3.45
CA SER C 177 43.58 -6.72 3.41
C SER C 177 42.80 -7.64 2.47
N ALA C 178 43.53 -8.29 1.57
CA ALA C 178 42.95 -9.26 0.65
C ALA C 178 43.64 -10.61 0.86
N VAL C 179 42.85 -11.68 0.80
CA VAL C 179 43.34 -13.03 1.06
C VAL C 179 43.49 -13.77 -0.27
N ALA C 180 44.65 -14.38 -0.47
CA ALA C 180 44.91 -15.22 -1.63
C ALA C 180 45.52 -16.54 -1.19
N TRP C 181 45.06 -17.63 -1.79
CA TRP C 181 45.56 -18.95 -1.43
C TRP C 181 45.59 -19.82 -2.67
N SER C 182 46.35 -20.91 -2.59
CA SER C 182 46.46 -21.87 -3.68
C SER C 182 46.90 -23.20 -3.11
N ASN C 183 46.46 -24.28 -3.76
CA ASN C 183 46.75 -25.63 -3.32
C ASN C 183 47.81 -26.33 -4.15
N LYS C 184 48.38 -25.66 -5.15
CA LYS C 184 49.47 -26.23 -5.91
C LYS C 184 50.78 -26.04 -5.15
N SER C 185 51.69 -27.01 -5.33
CA SER C 185 52.89 -27.07 -4.49
C SER C 185 53.78 -25.86 -4.71
N ASP C 186 54.15 -25.58 -5.95
CA ASP C 186 55.10 -24.50 -6.25
C ASP C 186 54.38 -23.16 -6.36
N PHE C 187 53.74 -22.76 -5.26
CA PHE C 187 53.06 -21.48 -5.16
C PHE C 187 53.73 -20.64 -4.08
N ALA C 188 54.09 -19.40 -4.44
CA ALA C 188 54.70 -18.46 -3.53
C ALA C 188 53.95 -17.14 -3.59
N CYS C 189 53.99 -16.41 -2.47
CA CYS C 189 53.40 -15.07 -2.44
C CYS C 189 53.96 -14.20 -3.57
N ALA C 190 55.29 -14.18 -3.69
CA ALA C 190 55.98 -13.58 -4.84
C ALA C 190 55.52 -12.15 -5.13
N VAL D 2 15.68 -0.66 17.50
CA VAL D 2 15.89 -2.11 17.51
C VAL D 2 15.12 -2.77 16.38
N THR D 3 14.99 -4.10 16.44
CA THR D 3 14.28 -4.85 15.42
C THR D 3 12.79 -4.82 15.71
N LEU D 4 12.02 -4.24 14.80
CA LEU D 4 10.57 -4.20 14.91
C LEU D 4 9.90 -5.46 14.37
N LEU D 5 10.66 -6.34 13.70
CA LEU D 5 10.12 -7.54 13.09
C LEU D 5 10.98 -8.74 13.46
N GLU D 6 10.51 -9.92 13.06
CA GLU D 6 11.24 -11.16 13.27
C GLU D 6 10.80 -12.13 12.18
N GLN D 7 11.72 -12.46 11.27
CA GLN D 7 11.43 -13.33 10.14
C GLN D 7 12.34 -14.54 10.20
N ASN D 8 11.74 -15.72 10.05
CA ASN D 8 12.47 -16.98 10.11
C ASN D 8 11.96 -17.89 9.00
N PRO D 9 12.85 -18.69 8.37
CA PRO D 9 14.30 -18.77 8.62
C PRO D 9 15.10 -17.76 7.81
N ARG D 10 16.43 -17.79 7.92
CA ARG D 10 17.29 -16.90 7.16
C ARG D 10 17.65 -17.47 5.80
N TRP D 11 17.91 -18.77 5.73
CA TRP D 11 18.25 -19.45 4.48
C TRP D 11 17.30 -20.63 4.28
N ARG D 12 17.18 -21.04 3.02
CA ARG D 12 16.32 -22.17 2.68
C ARG D 12 16.79 -22.80 1.38
N LEU D 13 16.98 -24.11 1.41
CA LEU D 13 17.29 -24.90 0.21
C LEU D 13 16.00 -25.53 -0.28
N VAL D 14 15.57 -25.15 -1.48
CA VAL D 14 14.27 -25.54 -2.00
C VAL D 14 14.47 -26.39 -3.25
N PRO D 15 14.03 -27.65 -3.26
CA PRO D 15 14.01 -28.40 -4.53
C PRO D 15 13.03 -27.78 -5.51
N ARG D 16 13.23 -28.10 -6.78
CA ARG D 16 12.40 -27.53 -7.83
C ARG D 16 10.97 -28.04 -7.74
N GLY D 17 10.01 -27.13 -7.71
CA GLY D 17 8.61 -27.47 -7.62
C GLY D 17 8.07 -27.63 -6.22
N GLN D 18 8.91 -27.51 -5.20
CA GLN D 18 8.47 -27.71 -3.83
C GLN D 18 7.85 -26.43 -3.27
N ALA D 19 7.24 -26.55 -2.10
CA ALA D 19 6.59 -25.44 -1.42
C ALA D 19 7.38 -25.03 -0.19
N VAL D 20 7.23 -23.76 0.19
CA VAL D 20 7.94 -23.19 1.33
C VAL D 20 6.97 -22.32 2.12
N ASN D 21 6.96 -22.49 3.44
CA ASN D 21 6.13 -21.69 4.33
C ASN D 21 7.01 -20.80 5.19
N LEU D 22 6.71 -19.49 5.18
CA LEU D 22 7.51 -18.51 5.88
C LEU D 22 6.67 -17.80 6.94
N ARG D 23 7.33 -17.37 8.02
CA ARG D 23 6.68 -16.68 9.13
C ARG D 23 7.23 -15.27 9.25
N CYS D 24 6.49 -14.44 9.98
CA CYS D 24 6.93 -13.10 10.32
C CYS D 24 6.11 -12.62 11.52
N ILE D 25 6.80 -12.12 12.54
CA ILE D 25 6.18 -11.69 13.79
C ILE D 25 6.39 -10.19 13.94
N LEU D 26 5.31 -9.47 14.22
CA LEU D 26 5.37 -8.03 14.44
C LEU D 26 5.60 -7.74 15.92
N LYS D 27 6.52 -6.82 16.21
CA LYS D 27 6.88 -6.50 17.58
C LYS D 27 6.52 -5.07 17.96
N ASN D 28 5.88 -4.31 17.07
CA ASN D 28 5.49 -2.93 17.36
C ASN D 28 4.09 -2.72 16.82
N SER D 29 3.16 -2.31 17.69
CA SER D 29 1.78 -2.12 17.29
C SER D 29 1.60 -0.91 16.36
N GLN D 30 2.49 0.07 16.41
CA GLN D 30 2.39 1.25 15.56
C GLN D 30 2.82 0.99 14.12
N TYR D 31 3.11 -0.26 13.76
CA TYR D 31 3.46 -0.64 12.40
C TYR D 31 2.58 -1.79 11.95
N PRO D 32 1.25 -1.60 11.91
CA PRO D 32 0.35 -2.74 11.68
C PRO D 32 0.30 -3.21 10.24
N TRP D 33 0.62 -2.35 9.28
CA TRP D 33 0.55 -2.71 7.86
C TRP D 33 1.78 -3.53 7.51
N MET D 34 1.63 -4.85 7.53
CA MET D 34 2.70 -5.76 7.19
C MET D 34 2.63 -6.12 5.71
N SER D 35 3.80 -6.29 5.09
CA SER D 35 3.87 -6.51 3.66
C SER D 35 4.97 -7.53 3.34
N TRP D 36 4.87 -8.10 2.15
CA TRP D 36 5.90 -8.98 1.60
C TRP D 36 6.52 -8.31 0.38
N TYR D 37 7.85 -8.30 0.32
CA TYR D 37 8.58 -7.79 -0.82
C TYR D 37 9.49 -8.88 -1.38
N GLN D 38 9.66 -8.86 -2.70
CA GLN D 38 10.48 -9.84 -3.40
C GLN D 38 11.69 -9.16 -4.02
N GLN D 39 12.85 -9.78 -3.86
CA GLN D 39 14.08 -9.34 -4.52
C GLN D 39 14.65 -10.51 -5.30
N ASP D 40 14.68 -10.37 -6.62
CA ASP D 40 15.13 -11.46 -7.49
C ASP D 40 16.65 -11.54 -7.49
N LEU D 41 17.17 -12.45 -8.33
CA LEU D 41 18.61 -12.64 -8.41
C LEU D 41 19.34 -11.43 -8.99
N GLN D 42 18.61 -10.52 -9.66
CA GLN D 42 19.18 -9.30 -10.19
C GLN D 42 18.99 -8.12 -9.25
N LYS D 43 18.60 -8.37 -8.00
CA LYS D 43 18.43 -7.33 -6.98
C LYS D 43 17.40 -6.29 -7.42
N GLN D 44 16.20 -6.76 -7.75
CA GLN D 44 15.09 -5.90 -8.14
C GLN D 44 13.98 -6.07 -7.11
N LEU D 45 13.70 -5.00 -6.36
CA LEU D 45 12.68 -5.05 -5.33
C LEU D 45 11.30 -4.85 -5.93
N GLN D 46 10.35 -5.66 -5.48
CA GLN D 46 8.97 -5.60 -5.98
C GLN D 46 8.00 -5.90 -4.85
N TRP D 47 6.98 -5.07 -4.71
CA TRP D 47 5.96 -5.24 -3.69
C TRP D 47 5.02 -6.36 -4.09
N LEU D 48 4.63 -7.18 -3.10
CA LEU D 48 3.75 -8.32 -3.32
C LEU D 48 2.38 -8.08 -2.70
N PHE D 49 2.28 -8.10 -1.37
CA PHE D 49 1.00 -7.94 -0.69
C PHE D 49 1.13 -6.93 0.44
N THR D 50 -0.02 -6.52 0.96
CA THR D 50 -0.09 -5.74 2.21
C THR D 50 -1.34 -6.18 2.94
N LEU D 51 -1.17 -6.83 4.09
CA LEU D 51 -2.26 -7.35 4.88
C LEU D 51 -2.34 -6.60 6.20
N ARG D 52 -3.56 -6.36 6.67
CA ARG D 52 -3.78 -5.53 7.84
C ARG D 52 -4.63 -6.23 8.90
N SER D 53 -5.80 -6.72 8.50
N SER D 53 -5.82 -6.72 8.50
CA SER D 53 -6.71 -7.36 9.43
CA SER D 53 -6.72 -7.36 9.44
C SER D 53 -6.49 -8.87 9.46
C SER D 53 -6.48 -8.87 9.46
N PRO D 54 -6.73 -9.52 10.60
CA PRO D 54 -6.58 -10.98 10.66
C PRO D 54 -7.61 -11.66 9.77
N GLY D 55 -7.15 -12.70 9.06
CA GLY D 55 -7.97 -13.42 8.12
C GLY D 55 -7.84 -13.01 6.68
N ASP D 56 -7.05 -11.97 6.39
CA ASP D 56 -6.84 -11.55 5.01
C ASP D 56 -6.06 -12.61 4.24
N LYS D 57 -6.42 -12.79 2.98
CA LYS D 57 -5.83 -13.83 2.14
C LYS D 57 -5.71 -13.29 0.72
N GLU D 58 -4.47 -13.17 0.24
CA GLU D 58 -4.21 -12.64 -1.09
C GLU D 58 -3.32 -13.60 -1.87
N VAL D 59 -3.47 -13.59 -3.19
CA VAL D 59 -2.76 -14.49 -4.08
C VAL D 59 -2.09 -13.67 -5.18
N LYS D 60 -0.82 -13.96 -5.45
CA LYS D 60 -0.08 -13.36 -6.55
C LYS D 60 0.77 -14.42 -7.22
N SER D 61 0.72 -14.48 -8.55
CA SER D 61 1.44 -15.49 -9.32
C SER D 61 2.30 -14.79 -10.36
N LEU D 62 3.56 -14.57 -10.03
CA LEU D 62 4.55 -14.01 -10.94
C LEU D 62 5.52 -15.10 -11.40
N PRO D 63 6.21 -14.89 -12.52
CA PRO D 63 7.05 -15.98 -13.07
C PRO D 63 8.15 -16.41 -12.10
N GLY D 64 8.16 -17.70 -11.79
CA GLY D 64 9.16 -18.30 -10.93
C GLY D 64 8.62 -18.81 -9.61
N ALA D 65 7.49 -18.28 -9.15
CA ALA D 65 6.97 -18.67 -7.84
C ALA D 65 5.52 -18.23 -7.72
N ASP D 66 4.70 -19.11 -7.15
CA ASP D 66 3.31 -18.80 -6.83
C ASP D 66 3.22 -18.47 -5.34
N TYR D 67 2.59 -17.34 -5.02
CA TYR D 67 2.56 -16.83 -3.66
C TYR D 67 1.17 -16.97 -3.06
N LEU D 68 1.14 -16.99 -1.72
CA LEU D 68 -0.13 -17.05 -0.97
C LEU D 68 0.17 -16.52 0.42
N ALA D 69 -0.18 -15.25 0.65
CA ALA D 69 0.07 -14.59 1.92
C ALA D 69 -1.17 -14.63 2.80
N THR D 70 -0.94 -14.67 4.11
CA THR D 70 -2.02 -14.77 5.08
C THR D 70 -1.69 -13.97 6.32
N ARG D 71 -2.66 -13.21 6.81
CA ARG D 71 -2.54 -12.49 8.08
C ARG D 71 -3.33 -13.28 9.12
N VAL D 72 -2.63 -14.12 9.88
CA VAL D 72 -3.30 -15.05 10.79
C VAL D 72 -3.86 -14.31 12.00
N THR D 73 -2.98 -13.68 12.78
CA THR D 73 -3.39 -12.92 13.96
C THR D 73 -2.96 -11.46 13.78
N ASP D 74 -3.03 -10.71 14.89
CA ASP D 74 -2.64 -9.30 14.86
C ASP D 74 -1.15 -9.12 14.60
N THR D 75 -0.34 -10.15 14.84
CA THR D 75 1.10 -10.07 14.66
C THR D 75 1.68 -11.19 13.81
N GLU D 76 0.86 -12.11 13.32
CA GLU D 76 1.34 -13.26 12.56
C GLU D 76 1.07 -13.05 11.08
N LEU D 77 2.13 -13.09 10.27
CA LEU D 77 2.05 -12.95 8.83
C LEU D 77 2.71 -14.15 8.19
N ARG D 78 1.97 -14.88 7.35
CA ARG D 78 2.46 -16.09 6.71
C ARG D 78 2.62 -15.85 5.21
N LEU D 79 3.39 -16.73 4.58
CA LEU D 79 3.58 -16.70 3.14
C LEU D 79 3.96 -18.08 2.65
N GLN D 80 3.23 -18.59 1.67
CA GLN D 80 3.51 -19.87 1.06
C GLN D 80 4.00 -19.66 -0.37
N VAL D 81 5.13 -20.28 -0.70
CA VAL D 81 5.76 -20.14 -2.01
C VAL D 81 5.83 -21.53 -2.63
N ALA D 82 4.99 -21.79 -3.62
CA ALA D 82 4.90 -23.09 -4.26
C ALA D 82 5.30 -22.98 -5.72
N ASN D 83 5.55 -24.15 -6.33
CA ASN D 83 5.95 -24.25 -7.73
C ASN D 83 7.15 -23.37 -8.02
N MET D 84 8.14 -23.41 -7.14
CA MET D 84 9.31 -22.54 -7.24
C MET D 84 10.32 -23.16 -8.20
N SER D 85 10.71 -22.40 -9.22
CA SER D 85 11.73 -22.82 -10.16
C SER D 85 12.89 -21.84 -10.27
N GLN D 86 12.81 -20.68 -9.62
CA GLN D 86 13.87 -19.68 -9.64
C GLN D 86 14.07 -19.15 -8.23
N GLY D 87 15.32 -19.12 -7.77
CA GLY D 87 15.60 -18.64 -6.44
C GLY D 87 15.39 -17.14 -6.31
N ARG D 88 15.12 -16.70 -5.08
CA ARG D 88 14.83 -15.31 -4.79
C ARG D 88 14.88 -15.10 -3.28
N THR D 89 14.84 -13.83 -2.89
CA THR D 89 14.83 -13.44 -1.49
C THR D 89 13.52 -12.72 -1.18
N LEU D 90 12.92 -13.07 -0.06
CA LEU D 90 11.63 -12.52 0.36
C LEU D 90 11.82 -11.76 1.67
N TYR D 91 11.48 -10.48 1.67
CA TYR D 91 11.61 -9.62 2.84
C TYR D 91 10.23 -9.34 3.42
N CYS D 92 10.09 -9.57 4.73
CA CYS D 92 8.90 -9.16 5.45
C CYS D 92 9.08 -7.73 5.93
N THR D 93 8.06 -6.90 5.73
CA THR D 93 8.15 -5.49 6.08
C THR D 93 6.95 -5.10 6.94
N CYS D 94 7.14 -4.02 7.70
CA CYS D 94 6.08 -3.41 8.50
C CYS D 94 6.14 -1.90 8.31
N SER D 95 4.98 -1.25 8.43
CA SER D 95 4.89 0.18 8.17
C SER D 95 3.61 0.70 8.79
N PRO D 96 3.57 1.96 9.21
CA PRO D 96 2.31 2.60 9.59
C PRO D 96 1.56 3.03 8.34
N GLN D 97 0.40 3.65 8.54
CA GLN D 97 -0.35 4.17 7.40
C GLN D 97 0.43 5.27 6.71
N THR D 98 1.03 6.17 7.48
CA THR D 98 2.04 7.08 6.94
C THR D 98 3.24 6.25 6.52
N THR D 99 3.43 6.12 5.20
CA THR D 99 4.35 5.13 4.67
C THR D 99 5.76 5.32 5.20
N GLU D 100 6.23 4.32 5.96
CA GLU D 100 7.60 4.27 6.47
C GLU D 100 7.95 2.79 6.61
N VAL D 101 8.41 2.21 5.50
CA VAL D 101 8.58 0.76 5.42
C VAL D 101 9.90 0.36 6.08
N PHE D 102 9.84 -0.67 6.92
CA PHE D 102 11.00 -1.22 7.61
C PHE D 102 11.18 -2.67 7.19
N PHE D 103 12.31 -2.97 6.57
CA PHE D 103 12.58 -4.31 6.07
C PHE D 103 13.21 -5.19 7.15
N GLY D 104 12.87 -6.47 7.13
CA GLY D 104 13.45 -7.44 8.02
C GLY D 104 14.78 -7.95 7.49
N LYS D 105 15.30 -8.98 8.17
CA LYS D 105 16.57 -9.57 7.77
C LYS D 105 16.46 -10.29 6.43
N GLY D 106 15.28 -10.79 6.10
CA GLY D 106 15.06 -11.45 4.83
C GLY D 106 15.31 -12.95 4.89
N THR D 107 14.72 -13.65 3.92
CA THR D 107 14.86 -15.10 3.78
C THR D 107 15.29 -15.40 2.35
N ARG D 108 16.50 -15.93 2.20
CA ARG D 108 17.03 -16.26 0.88
C ARG D 108 16.58 -17.67 0.49
N LEU D 109 15.89 -17.80 -0.63
CA LEU D 109 15.42 -19.07 -1.16
C LEU D 109 16.30 -19.47 -2.33
N THR D 110 16.93 -20.63 -2.24
CA THR D 110 17.78 -21.16 -3.28
C THR D 110 17.12 -22.40 -3.87
N VAL D 111 16.87 -22.38 -5.18
CA VAL D 111 16.21 -23.48 -5.88
C VAL D 111 17.28 -24.32 -6.55
N VAL D 112 17.30 -25.62 -6.24
CA VAL D 112 18.24 -26.57 -6.84
C VAL D 112 17.45 -27.66 -7.55
N GLU D 113 17.91 -28.02 -8.74
CA GLU D 113 17.28 -29.11 -9.50
C GLU D 113 17.82 -30.46 -9.10
N ASP D 114 19.08 -30.54 -8.68
CA ASP D 114 19.68 -31.78 -8.20
C ASP D 114 20.35 -31.51 -6.86
N LEU D 115 20.13 -32.42 -5.90
CA LEU D 115 20.67 -32.29 -4.56
C LEU D 115 22.10 -32.81 -4.43
N ASN D 116 22.67 -33.35 -5.50
CA ASN D 116 24.05 -33.84 -5.47
C ASN D 116 25.07 -32.72 -5.52
N LYS D 117 24.64 -31.47 -5.69
CA LYS D 117 25.53 -30.32 -5.73
C LYS D 117 25.72 -29.65 -4.38
N VAL D 118 25.09 -30.17 -3.33
CA VAL D 118 25.22 -29.59 -2.00
C VAL D 118 26.50 -30.12 -1.35
N PHE D 119 27.33 -29.21 -0.85
CA PHE D 119 28.60 -29.56 -0.23
C PHE D 119 28.81 -28.74 1.03
N PRO D 120 29.32 -29.35 2.09
CA PRO D 120 29.65 -28.59 3.30
C PRO D 120 31.02 -27.94 3.17
N PRO D 121 31.26 -26.85 3.89
CA PRO D 121 32.56 -26.17 3.79
C PRO D 121 33.63 -26.82 4.65
N GLU D 122 34.88 -26.68 4.21
CA GLU D 122 36.04 -27.14 4.95
C GLU D 122 36.72 -25.91 5.56
N VAL D 123 36.82 -25.90 6.89
CA VAL D 123 37.32 -24.74 7.64
C VAL D 123 38.76 -25.00 8.07
N ALA D 124 39.61 -23.99 7.92
CA ALA D 124 41.01 -24.10 8.30
C ALA D 124 41.51 -22.72 8.73
N VAL D 125 42.03 -22.63 9.95
CA VAL D 125 42.62 -21.40 10.46
C VAL D 125 44.11 -21.43 10.21
N PHE D 126 44.70 -20.26 9.99
CA PHE D 126 46.12 -20.14 9.66
C PHE D 126 46.77 -19.14 10.61
N GLU D 127 47.81 -19.59 11.33
CA GLU D 127 48.46 -18.75 12.32
C GLU D 127 49.23 -17.61 11.64
N PRO D 128 49.23 -16.42 12.24
CA PRO D 128 49.87 -15.27 11.58
C PRO D 128 51.37 -15.48 11.41
N SER D 129 51.93 -14.72 10.48
CA SER D 129 53.34 -14.84 10.14
C SER D 129 54.22 -14.19 11.20
N GLU D 130 55.41 -14.77 11.40
CA GLU D 130 56.37 -14.19 12.32
C GLU D 130 56.98 -12.89 11.78
N ALA D 131 56.85 -12.64 10.48
CA ALA D 131 57.37 -11.40 9.92
C ALA D 131 56.47 -10.22 10.24
N GLU D 132 55.15 -10.44 10.32
CA GLU D 132 54.24 -9.36 10.68
C GLU D 132 54.34 -9.00 12.16
N ILE D 133 54.61 -10.00 13.01
CA ILE D 133 54.69 -9.75 14.45
C ILE D 133 55.89 -8.87 14.78
N SER D 134 56.99 -9.05 14.07
CA SER D 134 58.21 -8.28 14.31
C SER D 134 58.25 -6.97 13.54
N HIS D 135 57.33 -6.74 12.61
CA HIS D 135 57.31 -5.52 11.80
C HIS D 135 56.23 -4.54 12.20
N THR D 136 55.02 -5.02 12.51
CA THR D 136 53.91 -4.16 12.88
C THR D 136 53.42 -4.37 14.29
N GLN D 137 53.99 -5.33 15.03
CA GLN D 137 53.56 -5.66 16.39
C GLN D 137 52.08 -6.05 16.43
N LYS D 138 51.58 -6.62 15.33
CA LYS D 138 50.20 -7.06 15.23
C LYS D 138 50.15 -8.43 14.59
N ALA D 139 49.25 -9.27 15.05
CA ALA D 139 49.08 -10.62 14.55
C ALA D 139 47.71 -10.76 13.89
N THR D 140 47.68 -11.25 12.66
CA THR D 140 46.45 -11.38 11.89
C THR D 140 46.22 -12.85 11.56
N LEU D 141 45.19 -13.44 12.17
CA LEU D 141 44.80 -14.80 11.85
C LEU D 141 43.82 -14.79 10.69
N VAL D 142 43.93 -15.80 9.83
CA VAL D 142 43.11 -15.92 8.63
C VAL D 142 42.38 -17.24 8.67
N CYS D 143 41.04 -17.18 8.58
CA CYS D 143 40.22 -18.37 8.46
C CYS D 143 39.74 -18.53 7.02
N LEU D 144 39.48 -19.76 6.62
CA LEU D 144 39.13 -20.05 5.24
C LEU D 144 38.13 -21.19 5.17
N ALA D 145 37.02 -20.96 4.49
CA ALA D 145 36.00 -21.98 4.24
C ALA D 145 35.82 -22.11 2.74
N THR D 146 36.09 -23.30 2.20
CA THR D 146 36.10 -23.53 0.77
C THR D 146 35.22 -24.71 0.40
N GLY D 147 34.75 -24.70 -0.85
CA GLY D 147 34.03 -25.82 -1.42
C GLY D 147 32.69 -26.12 -0.79
N PHE D 148 31.80 -25.12 -0.72
CA PHE D 148 30.47 -25.31 -0.19
C PHE D 148 29.44 -24.75 -1.16
N TYR D 149 28.29 -25.42 -1.21
CA TYR D 149 27.17 -24.99 -2.03
C TYR D 149 25.90 -25.44 -1.33
N PRO D 150 24.88 -24.58 -1.21
CA PRO D 150 24.84 -23.17 -1.64
C PRO D 150 25.61 -22.27 -0.68
N ASP D 151 25.59 -20.96 -0.91
CA ASP D 151 26.26 -19.99 -0.03
C ASP D 151 25.46 -19.71 1.24
N HIS D 152 24.80 -20.72 1.80
CA HIS D 152 24.01 -20.56 3.02
C HIS D 152 24.88 -20.80 4.26
N VAL D 153 25.92 -19.97 4.38
CA VAL D 153 26.86 -20.06 5.49
C VAL D 153 26.95 -18.71 6.18
N GLU D 154 27.46 -18.74 7.41
CA GLU D 154 27.78 -17.52 8.14
C GLU D 154 28.88 -17.81 9.13
N LEU D 155 29.91 -16.97 9.12
CA LEU D 155 31.13 -17.20 9.88
C LEU D 155 31.16 -16.30 11.12
N SER D 156 31.78 -16.81 12.18
CA SER D 156 31.96 -16.04 13.41
C SER D 156 33.20 -16.53 14.13
N TRP D 157 33.89 -15.61 14.80
CA TRP D 157 35.07 -15.92 15.57
C TRP D 157 34.73 -16.07 17.05
N TRP D 158 35.46 -16.96 17.72
CA TRP D 158 35.25 -17.23 19.14
C TRP D 158 36.61 -17.23 19.84
N VAL D 159 36.70 -16.48 20.93
CA VAL D 159 37.91 -16.39 21.73
C VAL D 159 37.54 -16.78 23.16
N ASN D 160 38.00 -17.95 23.60
CA ASN D 160 37.75 -18.45 24.95
C ASN D 160 36.25 -18.58 25.23
N GLY D 161 35.50 -19.00 24.22
CA GLY D 161 34.07 -19.22 24.37
C GLY D 161 33.20 -17.99 24.24
N LYS D 162 33.75 -16.86 23.80
CA LYS D 162 32.99 -15.63 23.62
C LYS D 162 33.22 -15.12 22.21
N GLU D 163 32.12 -14.78 21.53
CA GLU D 163 32.21 -14.27 20.16
C GLU D 163 32.77 -12.85 20.18
N VAL D 164 33.85 -12.64 19.44
CA VAL D 164 34.53 -11.36 19.39
C VAL D 164 34.26 -10.69 18.05
N HIS D 165 34.43 -9.36 18.04
CA HIS D 165 34.25 -8.57 16.82
C HIS D 165 35.34 -7.55 16.58
N SER D 166 36.21 -7.27 17.55
CA SER D 166 37.28 -6.30 17.36
C SER D 166 38.33 -6.85 16.41
N GLY D 167 38.53 -6.16 15.29
CA GLY D 167 39.49 -6.63 14.30
C GLY D 167 39.05 -7.83 13.51
N VAL D 168 37.75 -8.03 13.36
CA VAL D 168 37.19 -9.17 12.65
C VAL D 168 36.57 -8.66 11.35
N CYS D 169 37.07 -9.16 10.22
CA CYS D 169 36.48 -8.84 8.92
C CYS D 169 36.20 -10.12 8.15
N THR D 170 35.05 -10.17 7.52
CA THR D 170 34.64 -11.27 6.66
C THR D 170 34.28 -10.72 5.29
N ASP D 171 34.54 -11.52 4.26
CA ASP D 171 34.22 -11.09 2.90
C ASP D 171 32.72 -10.84 2.77
N PRO D 172 32.31 -9.68 2.25
CA PRO D 172 30.87 -9.44 2.08
C PRO D 172 30.21 -10.40 1.11
N GLN D 173 30.94 -10.85 0.10
CA GLN D 173 30.42 -11.79 -0.89
C GLN D 173 31.42 -12.93 -1.08
N PRO D 174 30.94 -14.16 -1.22
CA PRO D 174 31.85 -15.30 -1.41
C PRO D 174 32.42 -15.32 -2.82
N LEU D 175 33.46 -16.14 -2.98
N LEU D 175 33.43 -16.19 -3.00
CA LEU D 175 34.10 -16.36 -4.27
CA LEU D 175 34.11 -16.35 -4.26
C LEU D 175 33.56 -17.63 -4.90
C LEU D 175 33.69 -17.66 -4.92
N LYS D 176 33.48 -17.63 -6.23
CA LYS D 176 33.06 -18.80 -6.99
C LYS D 176 34.29 -19.62 -7.37
N GLU D 177 34.30 -20.89 -6.94
CA GLU D 177 35.40 -21.78 -7.31
C GLU D 177 35.32 -22.23 -8.76
N GLN D 178 34.14 -22.18 -9.36
CA GLN D 178 33.94 -22.47 -10.79
C GLN D 178 33.22 -21.29 -11.41
N PRO D 179 33.95 -20.21 -11.72
CA PRO D 179 33.29 -18.97 -12.14
C PRO D 179 32.43 -19.09 -13.38
N ALA D 180 32.63 -20.12 -14.20
CA ALA D 180 31.83 -20.32 -15.40
C ALA D 180 30.53 -21.07 -15.14
N LEU D 181 30.30 -21.53 -13.92
CA LEU D 181 29.11 -22.29 -13.57
C LEU D 181 28.23 -21.48 -12.64
N ASN D 182 26.91 -21.62 -12.81
CA ASN D 182 25.98 -20.95 -11.91
C ASN D 182 25.80 -21.73 -10.61
N ASP D 183 25.85 -23.06 -10.69
CA ASP D 183 25.77 -23.89 -9.49
C ASP D 183 27.15 -24.13 -8.92
N SER D 184 28.01 -23.12 -9.04
CA SER D 184 29.40 -23.24 -8.61
C SER D 184 29.48 -23.32 -7.09
N ARG D 185 30.47 -24.08 -6.62
CA ARG D 185 30.75 -24.14 -5.20
C ARG D 185 31.49 -22.88 -4.77
N TYR D 186 31.20 -22.43 -3.55
CA TYR D 186 31.65 -21.13 -3.08
C TYR D 186 32.77 -21.28 -2.04
N ALA D 187 33.46 -20.17 -1.80
CA ALA D 187 34.52 -20.09 -0.80
C ALA D 187 34.40 -18.77 -0.06
N LEU D 188 34.81 -18.78 1.21
CA LEU D 188 34.69 -17.61 2.06
C LEU D 188 35.89 -17.54 3.01
N SER D 189 36.41 -16.34 3.20
CA SER D 189 37.55 -16.11 4.07
C SER D 189 37.18 -15.11 5.16
N SER D 190 38.03 -15.04 6.19
CA SER D 190 37.84 -14.13 7.29
C SER D 190 39.17 -13.85 7.95
N ARG D 191 39.25 -12.72 8.65
CA ARG D 191 40.48 -12.25 9.26
C ARG D 191 40.22 -11.84 10.70
N LEU D 192 41.25 -11.96 11.53
CA LEU D 192 41.20 -11.54 12.94
C LEU D 192 42.54 -10.92 13.31
N ARG D 193 42.52 -9.63 13.62
CA ARG D 193 43.72 -8.89 14.01
C ARG D 193 43.77 -8.76 15.53
N VAL D 194 44.87 -9.19 16.12
CA VAL D 194 45.12 -9.03 17.55
C VAL D 194 46.52 -8.47 17.73
N SER D 195 46.81 -8.00 18.94
CA SER D 195 48.14 -7.52 19.24
C SER D 195 49.13 -8.69 19.31
N ALA D 196 50.40 -8.38 19.07
CA ALA D 196 51.43 -9.40 19.12
C ALA D 196 51.50 -10.05 20.50
N THR D 197 51.32 -9.26 21.57
CA THR D 197 51.32 -9.81 22.92
C THR D 197 50.13 -10.73 23.14
N PHE D 198 48.99 -10.44 22.51
CA PHE D 198 47.83 -11.32 22.63
C PHE D 198 48.11 -12.68 21.99
N TRP D 199 48.64 -12.67 20.77
CA TRP D 199 48.93 -13.93 20.08
C TRP D 199 50.02 -14.73 20.79
N GLN D 200 50.97 -14.06 21.43
CA GLN D 200 52.05 -14.74 22.14
C GLN D 200 51.61 -15.31 23.48
N ASN D 201 50.32 -15.27 23.80
CA ASN D 201 49.80 -15.84 25.02
C ASN D 201 49.13 -17.17 24.70
N PRO D 202 49.75 -18.32 25.03
CA PRO D 202 49.11 -19.61 24.73
C PRO D 202 47.83 -19.87 25.50
N ARG D 203 47.51 -19.06 26.52
CA ARG D 203 46.28 -19.26 27.28
C ARG D 203 45.03 -18.88 26.49
N ASN D 204 45.19 -18.14 25.40
CA ASN D 204 44.06 -17.72 24.59
C ASN D 204 43.73 -18.78 23.55
N HIS D 205 42.44 -19.06 23.40
CA HIS D 205 41.95 -20.07 22.47
C HIS D 205 41.22 -19.39 21.33
N PHE D 206 41.70 -19.57 20.11
CA PHE D 206 41.09 -19.00 18.92
C PHE D 206 40.28 -20.07 18.20
N ARG D 207 39.08 -19.70 17.75
CA ARG D 207 38.19 -20.63 17.07
C ARG D 207 37.43 -19.90 15.97
N CYS D 208 37.33 -20.55 14.81
CA CYS D 208 36.60 -20.02 13.67
C CYS D 208 35.41 -20.93 13.40
N GLN D 209 34.22 -20.47 13.74
CA GLN D 209 32.99 -21.25 13.57
C GLN D 209 32.30 -20.85 12.28
N VAL D 210 31.88 -21.85 11.51
CA VAL D 210 31.17 -21.64 10.25
C VAL D 210 29.90 -22.48 10.30
N GLN D 211 28.75 -21.80 10.35
CA GLN D 211 27.46 -22.48 10.37
C GLN D 211 26.96 -22.66 8.94
N PHE D 212 26.81 -23.92 8.52
CA PHE D 212 26.37 -24.26 7.18
C PHE D 212 24.95 -24.80 7.23
N TYR D 213 24.07 -24.25 6.39
CA TYR D 213 22.69 -24.67 6.29
C TYR D 213 22.54 -25.52 5.03
N GLY D 214 22.43 -26.83 5.20
CA GLY D 214 22.35 -27.73 4.07
C GLY D 214 21.07 -28.53 4.01
N LEU D 215 21.19 -29.85 4.09
CA LEU D 215 20.06 -30.75 3.98
C LEU D 215 19.53 -31.16 5.35
N SER D 216 18.29 -31.64 5.36
CA SER D 216 17.66 -32.18 6.55
C SER D 216 17.54 -33.70 6.43
N GLU D 217 17.11 -34.32 7.52
CA GLU D 217 16.92 -35.76 7.56
C GLU D 217 15.68 -36.23 6.80
N ASN D 218 14.86 -35.29 6.29
CA ASN D 218 13.70 -35.62 5.48
C ASN D 218 14.05 -35.85 4.02
N ASP D 219 15.31 -35.64 3.63
CA ASP D 219 15.74 -35.74 2.24
C ASP D 219 16.41 -37.08 2.00
N GLU D 220 16.03 -37.74 0.91
CA GLU D 220 16.62 -39.02 0.55
C GLU D 220 18.01 -38.80 -0.04
N TRP D 221 18.97 -39.60 0.42
CA TRP D 221 20.35 -39.47 -0.02
C TRP D 221 20.93 -40.86 -0.25
N THR D 222 21.35 -41.13 -1.50
CA THR D 222 21.93 -42.41 -1.88
C THR D 222 23.21 -42.13 -2.69
N GLN D 223 24.26 -41.70 -2.00
CA GLN D 223 25.55 -41.40 -2.61
C GLN D 223 26.67 -42.01 -1.78
N ASP D 224 27.86 -42.06 -2.38
CA ASP D 224 29.01 -42.67 -1.73
C ASP D 224 29.69 -41.76 -0.73
N ARG D 225 29.31 -40.48 -0.66
CA ARG D 225 29.88 -39.55 0.28
C ARG D 225 28.87 -39.20 1.37
N ALA D 226 29.35 -38.49 2.39
CA ALA D 226 28.51 -38.13 3.52
C ALA D 226 27.43 -37.14 3.11
N LYS D 227 26.31 -37.19 3.83
CA LYS D 227 25.21 -36.29 3.55
C LYS D 227 25.58 -34.86 3.91
N PRO D 228 25.44 -33.90 3.00
CA PRO D 228 25.71 -32.49 3.34
C PRO D 228 24.57 -31.85 4.13
N VAL D 229 24.46 -32.24 5.39
CA VAL D 229 23.38 -31.77 6.26
C VAL D 229 23.82 -30.52 7.00
N THR D 230 22.88 -29.85 7.66
CA THR D 230 23.18 -28.65 8.44
C THR D 230 24.12 -29.01 9.59
N GLN D 231 25.35 -28.49 9.54
CA GLN D 231 26.37 -28.84 10.51
C GLN D 231 27.18 -27.60 10.86
N ILE D 232 28.15 -27.78 11.75
CA ILE D 232 29.05 -26.71 12.19
C ILE D 232 30.47 -27.22 12.02
N VAL D 233 31.20 -26.66 11.06
CA VAL D 233 32.60 -26.98 10.82
C VAL D 233 33.45 -25.85 11.40
N SER D 234 34.50 -26.21 12.15
CA SER D 234 35.33 -25.24 12.83
C SER D 234 36.78 -25.73 12.84
N ALA D 235 37.66 -24.86 13.34
CA ALA D 235 39.07 -25.16 13.47
C ALA D 235 39.66 -24.28 14.55
N GLU D 236 40.53 -24.86 15.37
CA GLU D 236 41.11 -24.16 16.51
C GLU D 236 42.60 -23.90 16.28
N ALA D 237 43.13 -22.97 17.07
CA ALA D 237 44.54 -22.62 17.00
C ALA D 237 44.93 -21.90 18.28
N TRP D 238 45.91 -22.44 19.00
CA TRP D 238 46.36 -21.85 20.25
C TRP D 238 47.43 -20.79 20.00
N GLY D 239 47.66 -19.96 21.01
CA GLY D 239 48.64 -18.89 20.87
C GLY D 239 50.05 -19.42 20.93
N ARG D 240 50.90 -18.86 20.06
CA ARG D 240 52.31 -19.25 19.96
C ARG D 240 53.18 -18.04 20.22
N ALA D 241 54.21 -18.23 21.04
CA ALA D 241 55.14 -17.14 21.36
C ALA D 241 56.49 -17.37 20.71
#